data_9ONM
#
_entry.id   9ONM
#
_cell.length_a   203.919
_cell.length_b   203.919
_cell.length_c   68.785
_cell.angle_alpha   90.000
_cell.angle_beta   90.000
_cell.angle_gamma   120.000
#
_symmetry.space_group_name_H-M   'H 3'
#
loop_
_entity.id
_entity.type
_entity.pdbx_description
1 polymer Rubrerythrin
2 non-polymer 'FE (III) ION'
3 non-polymer DI(HYDROXYETHYL)ETHER
4 water water
#
_entity_poly.entity_id   1
_entity_poly.type   'polypeptide(L)'
_entity_poly.pdbx_seq_one_letter_code
;MAQLKGSKTEENLKYAFAGESQANRRYLYFASKADVEGQNDIAALFRSTAEGETGHAHGHLEYLEAVGDPATGLPFGTSR
QNLQSAIAGETHEYTDMYPGMAKTARDEGFEEIANWFETLAKAERSHANRYTKALDGLVD
;
_entity_poly.pdbx_strand_id   A,B,C,D,E,F
#
loop_
_chem_comp.id
_chem_comp.type
_chem_comp.name
_chem_comp.formula
FE non-polymer 'FE (III) ION' 'Fe 3'
PEG non-polymer DI(HYDROXYETHYL)ETHER 'C4 H10 O3'
#
# COMPACT_ATOMS: atom_id res chain seq x y z
N ALA A 2 0.37 22.95 11.64
CA ALA A 2 1.02 21.74 12.13
C ALA A 2 1.10 20.66 11.05
N GLN A 3 2.27 20.07 10.87
CA GLN A 3 2.46 18.98 9.91
C GLN A 3 2.47 17.64 10.63
N LEU A 4 1.80 16.66 10.03
CA LEU A 4 1.69 15.35 10.68
C LEU A 4 3.04 14.64 10.72
N LYS A 5 3.80 14.75 9.64
CA LYS A 5 5.10 14.10 9.56
C LYS A 5 6.00 14.56 10.71
N GLY A 6 6.52 13.59 11.46
CA GLY A 6 7.39 13.85 12.57
C GLY A 6 6.69 14.10 13.89
N SER A 7 5.36 14.11 13.90
CA SER A 7 4.60 14.42 15.10
C SER A 7 4.41 13.19 15.98
N LYS A 8 3.99 13.45 17.22
CA LYS A 8 3.58 12.36 18.09
C LYS A 8 2.33 11.67 17.57
N THR A 9 1.43 12.43 16.93
CA THR A 9 0.20 11.86 16.36
C THR A 9 0.51 10.87 15.24
N GLU A 10 1.53 11.13 14.43
CA GLU A 10 1.93 10.12 13.45
C GLU A 10 2.34 8.83 14.15
N GLU A 11 3.11 8.94 15.24
CA GLU A 11 3.51 7.75 15.97
C GLU A 11 2.31 7.04 16.57
N ASN A 12 1.32 7.80 17.08
CA ASN A 12 0.15 7.16 17.65
C ASN A 12 -0.67 6.46 16.57
N LEU A 13 -0.75 7.06 15.38
CA LEU A 13 -1.48 6.45 14.27
C LEU A 13 -0.83 5.13 13.87
N LYS A 14 0.50 5.09 13.87
CA LYS A 14 1.18 3.85 13.54
C LYS A 14 0.96 2.78 14.58
N TYR A 15 0.99 3.16 15.87
CA TYR A 15 0.79 2.20 16.94
C TYR A 15 -0.64 1.69 16.94
N ALA A 16 -1.60 2.59 16.76
CA ALA A 16 -3.01 2.18 16.72
C ALA A 16 -3.29 1.30 15.50
N PHE A 17 -2.68 1.60 14.37
CA PHE A 17 -2.82 0.75 13.19
C PHE A 17 -2.32 -0.66 13.48
N ALA A 18 -1.15 -0.78 14.13
CA ALA A 18 -0.63 -2.10 14.51
C ALA A 18 -1.57 -2.82 15.46
N GLY A 19 -2.17 -2.11 16.42
CA GLY A 19 -3.08 -2.74 17.35
C GLY A 19 -4.39 -3.21 16.72
N GLU A 20 -5.01 -2.36 15.87
CA GLU A 20 -6.24 -2.77 15.18
C GLU A 20 -5.98 -3.96 14.26
N SER A 21 -4.83 -3.94 13.57
CA SER A 21 -4.46 -5.03 12.66
C SER A 21 -4.37 -6.35 13.42
N GLN A 22 -3.67 -6.34 14.56
CA GLN A 22 -3.55 -7.51 15.41
C GLN A 22 -4.88 -7.93 15.99
N ALA A 23 -5.74 -6.97 16.32
CA ALA A 23 -7.04 -7.34 16.90
C ALA A 23 -7.90 -8.11 15.91
N ASN A 24 -7.89 -7.71 14.63
CA ASN A 24 -8.61 -8.49 13.62
C ASN A 24 -8.07 -9.91 13.53
N ARG A 25 -6.74 -10.07 13.44
CA ARG A 25 -6.18 -11.42 13.37
C ARG A 25 -6.50 -12.24 14.62
N ARG A 26 -6.39 -11.65 15.81
CA ARG A 26 -6.69 -12.35 17.05
C ARG A 26 -8.15 -12.81 17.08
N TYR A 27 -9.07 -11.90 16.74
CA TYR A 27 -10.48 -12.23 16.85
C TYR A 27 -10.86 -13.32 15.84
N LEU A 28 -10.26 -13.34 14.64
CA LEU A 28 -10.51 -14.43 13.70
C LEU A 28 -9.94 -15.74 14.22
N TYR A 29 -8.79 -15.69 14.90
CA TYR A 29 -8.26 -16.89 15.54
C TYR A 29 -9.23 -17.38 16.61
N PHE A 30 -9.72 -16.47 17.45
CA PHE A 30 -10.68 -16.84 18.48
C PHE A 30 -11.95 -17.40 17.88
N ALA A 31 -12.38 -16.86 16.71
CA ALA A 31 -13.58 -17.37 16.07
C ALA A 31 -13.38 -18.82 15.64
N SER A 32 -12.19 -19.15 15.14
N SER A 32 -12.19 -19.15 15.11
CA SER A 32 -11.96 -20.52 14.68
CA SER A 32 -11.94 -20.52 14.69
C SER A 32 -11.80 -21.51 15.83
C SER A 32 -11.98 -21.47 15.89
N LYS A 33 -11.49 -21.03 17.04
CA LYS A 33 -11.52 -21.91 18.21
C LYS A 33 -12.97 -22.16 18.66
N ALA A 34 -13.78 -21.09 18.65
CA ALA A 34 -15.21 -21.23 18.95
C ALA A 34 -15.89 -22.16 17.95
N ASP A 35 -15.57 -22.04 16.66
CA ASP A 35 -16.14 -22.94 15.63
C ASP A 35 -15.99 -24.41 16.01
N VAL A 36 -14.76 -24.81 16.32
CA VAL A 36 -14.48 -26.21 16.61
C VAL A 36 -15.23 -26.65 17.86
N GLU A 37 -15.34 -25.75 18.85
CA GLU A 37 -16.01 -26.09 20.10
C GLU A 37 -17.51 -26.25 19.92
N GLY A 38 -18.07 -25.66 18.88
CA GLY A 38 -19.51 -25.59 18.72
C GLY A 38 -20.15 -24.35 19.27
N GLN A 39 -19.36 -23.34 19.63
CA GLN A 39 -19.89 -22.08 20.17
C GLN A 39 -20.17 -21.12 19.01
N ASN A 40 -21.20 -21.45 18.24
CA ASN A 40 -21.36 -20.75 16.97
C ASN A 40 -21.78 -19.29 17.18
N ASP A 41 -22.51 -18.99 18.26
CA ASP A 41 -22.86 -17.59 18.52
C ASP A 41 -21.63 -16.75 18.90
N ILE A 42 -20.72 -17.32 19.70
CA ILE A 42 -19.48 -16.62 20.06
C ILE A 42 -18.62 -16.43 18.81
N ALA A 43 -18.50 -17.46 17.98
CA ALA A 43 -17.74 -17.33 16.74
C ALA A 43 -18.25 -16.20 15.88
N ALA A 44 -19.58 -16.10 15.73
CA ALA A 44 -20.16 -15.05 14.92
C ALA A 44 -19.90 -13.67 15.52
N LEU A 45 -19.88 -13.59 16.86
CA LEU A 45 -19.57 -12.31 17.50
C LEU A 45 -18.11 -11.91 17.27
N PHE A 46 -17.17 -12.84 17.40
CA PHE A 46 -15.78 -12.49 17.14
C PHE A 46 -15.61 -12.04 15.68
N ARG A 47 -16.28 -12.71 14.75
CA ARG A 47 -16.17 -12.32 13.33
C ARG A 47 -16.74 -10.93 13.07
N SER A 48 -17.88 -10.59 13.68
N SER A 48 -17.88 -10.58 13.68
CA SER A 48 -18.44 -9.27 13.46
CA SER A 48 -18.46 -9.25 13.46
C SER A 48 -17.56 -8.18 14.07
C SER A 48 -17.58 -8.17 14.08
N THR A 49 -17.05 -8.41 15.28
CA THR A 49 -16.14 -7.44 15.91
C THR A 49 -14.89 -7.27 15.06
N ALA A 50 -14.39 -8.37 14.49
CA ALA A 50 -13.22 -8.27 13.61
C ALA A 50 -13.44 -7.33 12.43
N GLU A 51 -14.66 -7.30 11.87
CA GLU A 51 -14.95 -6.36 10.80
C GLU A 51 -14.91 -4.92 11.29
N GLY A 52 -15.31 -4.67 12.53
CA GLY A 52 -15.13 -3.34 13.10
C GLY A 52 -13.67 -2.91 13.10
N GLU A 53 -12.79 -3.82 13.52
CA GLU A 53 -11.37 -3.51 13.56
C GLU A 53 -10.81 -3.28 12.15
N THR A 54 -11.38 -3.94 11.14
CA THR A 54 -10.98 -3.64 9.77
C THR A 54 -11.29 -2.18 9.40
N GLY A 55 -12.47 -1.72 9.77
CA GLY A 55 -12.81 -0.33 9.51
C GLY A 55 -11.92 0.65 10.25
N HIS A 56 -11.56 0.31 11.50
CA HIS A 56 -10.64 1.15 12.25
C HIS A 56 -9.28 1.21 11.58
N ALA A 57 -8.74 0.04 11.20
CA ALA A 57 -7.43 0.02 10.57
C ALA A 57 -7.42 0.79 9.26
N HIS A 58 -8.49 0.67 8.46
CA HIS A 58 -8.57 1.38 7.20
C HIS A 58 -8.54 2.90 7.43
N GLY A 59 -9.26 3.34 8.46
CA GLY A 59 -9.23 4.76 8.79
C GLY A 59 -7.86 5.27 9.18
N HIS A 60 -7.14 4.51 10.02
CA HIS A 60 -5.78 4.91 10.41
C HIS A 60 -4.88 4.99 9.18
N LEU A 61 -5.00 4.02 8.28
CA LEU A 61 -4.17 4.03 7.08
C LEU A 61 -4.48 5.24 6.21
N GLU A 62 -5.75 5.62 6.13
CA GLU A 62 -6.09 6.78 5.31
C GLU A 62 -5.36 8.03 5.80
N TYR A 63 -5.28 8.22 7.12
CA TYR A 63 -4.52 9.35 7.65
C TYR A 63 -3.02 9.18 7.38
N LEU A 64 -2.53 7.95 7.44
CA LEU A 64 -1.11 7.72 7.22
C LEU A 64 -0.71 7.93 5.77
N GLU A 65 -1.64 7.99 4.82
CA GLU A 65 -1.27 8.19 3.44
C GLU A 65 -0.44 9.47 3.26
N ALA A 66 -0.62 10.43 4.16
CA ALA A 66 0.11 11.70 4.05
C ALA A 66 1.57 11.60 4.45
N VAL A 67 1.97 10.57 5.19
CA VAL A 67 3.30 10.52 5.77
C VAL A 67 4.07 9.31 5.25
N GLY A 68 3.35 8.25 4.92
CA GLY A 68 4.00 7.08 4.34
C GLY A 68 3.54 5.77 4.96
N ASP A 69 3.82 4.69 4.26
CA ASP A 69 3.41 3.33 4.67
C ASP A 69 4.00 3.00 6.03
N PRO A 70 3.20 2.61 7.01
CA PRO A 70 3.76 2.35 8.34
C PRO A 70 4.78 1.22 8.36
N ALA A 71 4.82 0.35 7.36
CA ALA A 71 5.75 -0.78 7.34
C ALA A 71 7.08 -0.46 6.67
N THR A 72 7.11 0.51 5.77
CA THR A 72 8.29 0.78 4.95
C THR A 72 8.73 2.24 4.96
N GLY A 73 7.87 3.18 5.37
CA GLY A 73 8.15 4.60 5.23
C GLY A 73 7.98 5.16 3.84
N LEU A 74 7.67 4.33 2.83
CA LEU A 74 7.56 4.75 1.45
C LEU A 74 6.18 5.30 1.14
N PRO A 75 6.06 6.09 0.07
CA PRO A 75 4.73 6.60 -0.32
C PRO A 75 3.79 5.48 -0.74
N PHE A 76 2.50 5.67 -0.49
CA PHE A 76 1.51 4.73 -0.99
C PHE A 76 0.24 5.48 -1.38
N GLY A 77 -0.60 4.79 -2.14
CA GLY A 77 -1.79 5.39 -2.70
C GLY A 77 -2.16 4.75 -4.03
N THR A 78 -1.37 5.02 -5.07
CA THR A 78 -1.58 4.43 -6.37
C THR A 78 -1.11 2.98 -6.39
N SER A 79 -1.58 2.23 -7.39
CA SER A 79 -1.15 0.83 -7.48
C SER A 79 0.37 0.72 -7.71
N ARG A 80 0.95 1.63 -8.51
CA ARG A 80 2.41 1.60 -8.68
C ARG A 80 3.13 1.80 -7.36
N GLN A 81 2.72 2.80 -6.57
CA GLN A 81 3.37 3.07 -5.31
C GLN A 81 3.18 1.91 -4.34
N ASN A 82 1.98 1.33 -4.34
CA ASN A 82 1.66 0.25 -3.41
C ASN A 82 2.49 -0.97 -3.70
N LEU A 83 2.67 -1.28 -4.98
CA LEU A 83 3.52 -2.40 -5.36
C LEU A 83 4.98 -2.13 -5.00
N GLN A 84 5.47 -0.92 -5.24
CA GLN A 84 6.84 -0.55 -4.85
C GLN A 84 7.07 -0.75 -3.36
N SER A 85 6.11 -0.31 -2.55
CA SER A 85 6.24 -0.45 -1.11
C SER A 85 6.11 -1.90 -0.66
N ALA A 86 5.18 -2.64 -1.25
CA ALA A 86 5.06 -4.06 -0.93
C ALA A 86 6.35 -4.80 -1.23
N ILE A 87 6.95 -4.55 -2.39
CA ILE A 87 8.21 -5.22 -2.75
C ILE A 87 9.31 -4.90 -1.74
N ALA A 88 9.44 -3.61 -1.38
CA ALA A 88 10.47 -3.21 -0.42
C ALA A 88 10.32 -3.96 0.90
N GLY A 89 9.09 -4.01 1.42
CA GLY A 89 8.85 -4.63 2.69
C GLY A 89 9.07 -6.13 2.64
N GLU A 90 8.60 -6.77 1.57
CA GLU A 90 8.80 -8.21 1.44
C GLU A 90 10.30 -8.53 1.34
N THR A 91 11.02 -7.70 0.61
CA THR A 91 12.46 -7.93 0.45
C THR A 91 13.19 -7.87 1.78
N HIS A 92 12.80 -6.93 2.64
CA HIS A 92 13.35 -6.91 3.98
C HIS A 92 13.04 -8.20 4.73
N GLU A 93 11.83 -8.73 4.54
CA GLU A 93 11.40 -9.89 5.34
C GLU A 93 12.18 -11.13 4.96
N TYR A 94 12.48 -11.32 3.66
CA TYR A 94 13.13 -12.57 3.27
C TYR A 94 14.64 -12.46 3.26
N THR A 95 15.20 -11.26 3.13
CA THR A 95 16.66 -11.13 3.20
C THR A 95 17.16 -10.94 4.63
N ASP A 96 16.34 -10.43 5.53
CA ASP A 96 16.78 -10.03 6.85
C ASP A 96 15.92 -10.61 7.97
N MET A 97 14.64 -10.25 8.04
CA MET A 97 13.86 -10.51 9.25
C MET A 97 13.73 -12.01 9.54
N TYR A 98 13.12 -12.77 8.63
CA TYR A 98 12.82 -14.17 8.96
C TYR A 98 14.10 -15.02 9.07
N PRO A 99 15.07 -14.87 8.16
CA PRO A 99 16.32 -15.63 8.36
C PRO A 99 17.00 -15.33 9.68
N GLY A 100 16.98 -14.07 10.13
CA GLY A 100 17.55 -13.75 11.43
C GLY A 100 16.79 -14.37 12.59
N MET A 101 15.45 -14.41 12.49
CA MET A 101 14.66 -15.03 13.53
C MET A 101 14.88 -16.54 13.57
N ALA A 102 15.06 -17.14 12.39
CA ALA A 102 15.30 -18.58 12.30
C ALA A 102 16.62 -18.92 12.98
N LYS A 103 17.64 -18.09 12.74
CA LYS A 103 18.94 -18.35 13.36
C LYS A 103 18.84 -18.27 14.87
N THR A 104 18.19 -17.23 15.40
CA THR A 104 18.01 -17.10 16.83
C THR A 104 17.26 -18.29 17.41
N ALA A 105 16.19 -18.74 16.73
CA ALA A 105 15.43 -19.87 17.27
C ALA A 105 16.30 -21.13 17.33
N ARG A 106 17.11 -21.37 16.31
N ARG A 106 17.07 -21.40 16.28
CA ARG A 106 17.98 -22.54 16.35
CA ARG A 106 18.00 -22.52 16.33
C ARG A 106 19.05 -22.41 17.44
C ARG A 106 18.93 -22.38 17.54
N ASP A 107 19.52 -21.18 17.70
CA ASP A 107 20.50 -20.96 18.77
C ASP A 107 19.91 -21.20 20.15
N GLU A 108 18.62 -20.93 20.32
CA GLU A 108 17.93 -21.08 21.60
C GLU A 108 17.32 -22.47 21.78
N GLY A 109 17.41 -23.32 20.77
CA GLY A 109 16.92 -24.69 20.88
C GLY A 109 15.50 -24.92 20.44
N PHE A 110 14.93 -24.03 19.64
CA PHE A 110 13.55 -24.17 19.15
C PHE A 110 13.62 -24.56 17.68
N GLU A 111 13.85 -25.85 17.44
CA GLU A 111 14.13 -26.30 16.08
C GLU A 111 12.90 -26.23 15.19
N GLU A 112 11.73 -26.58 15.72
CA GLU A 112 10.53 -26.51 14.89
C GLU A 112 10.17 -25.07 14.55
N ILE A 113 10.26 -24.16 15.53
CA ILE A 113 10.01 -22.75 15.27
C ILE A 113 11.04 -22.20 14.27
N ALA A 114 12.32 -22.62 14.39
CA ALA A 114 13.29 -22.20 13.38
C ALA A 114 12.87 -22.65 11.98
N ASN A 115 12.40 -23.88 11.84
N ASN A 115 12.39 -23.88 11.84
CA ASN A 115 11.98 -24.36 10.53
CA ASN A 115 11.97 -24.35 10.54
C ASN A 115 10.77 -23.57 10.03
C ASN A 115 10.76 -23.56 10.03
N TRP A 116 9.86 -23.19 10.95
CA TRP A 116 8.74 -22.32 10.59
C TRP A 116 9.20 -20.99 10.03
N PHE A 117 10.19 -20.37 10.69
CA PHE A 117 10.70 -19.08 10.20
C PHE A 117 11.40 -19.23 8.84
N GLU A 118 12.10 -20.36 8.61
CA GLU A 118 12.69 -20.61 7.29
C GLU A 118 11.62 -20.81 6.22
N THR A 119 10.49 -21.47 6.56
CA THR A 119 9.39 -21.61 5.61
C THR A 119 8.85 -20.24 5.22
N LEU A 120 8.71 -19.37 6.21
CA LEU A 120 8.19 -18.04 5.94
C LEU A 120 9.17 -17.17 5.17
N ALA A 121 10.48 -17.30 5.39
CA ALA A 121 11.46 -16.59 4.56
C ALA A 121 11.24 -16.94 3.09
N LYS A 122 11.09 -18.22 2.79
CA LYS A 122 10.85 -18.68 1.44
C LYS A 122 9.52 -18.16 0.90
N ALA A 123 8.50 -18.14 1.75
CA ALA A 123 7.20 -17.65 1.32
C ALA A 123 7.25 -16.16 0.98
N GLU A 124 7.91 -15.35 1.81
CA GLU A 124 7.97 -13.93 1.52
C GLU A 124 8.81 -13.64 0.28
N ARG A 125 9.85 -14.44 0.03
CA ARG A 125 10.58 -14.30 -1.23
C ARG A 125 9.65 -14.54 -2.42
N SER A 126 8.81 -15.57 -2.36
CA SER A 126 7.80 -15.80 -3.39
C SER A 126 6.85 -14.61 -3.55
N HIS A 127 6.37 -14.04 -2.44
CA HIS A 127 5.53 -12.86 -2.54
C HIS A 127 6.25 -11.70 -3.21
N ALA A 128 7.51 -11.46 -2.81
CA ALA A 128 8.28 -10.36 -3.40
C ALA A 128 8.44 -10.55 -4.91
N ASN A 129 8.85 -11.75 -5.33
CA ASN A 129 9.06 -12.03 -6.73
C ASN A 129 7.75 -11.85 -7.53
N ARG A 130 6.63 -12.30 -6.97
CA ARG A 130 5.35 -12.18 -7.67
C ARG A 130 4.89 -10.71 -7.78
N TYR A 131 5.09 -9.91 -6.74
CA TYR A 131 4.81 -8.48 -6.85
C TYR A 131 5.72 -7.81 -7.89
N THR A 132 6.97 -8.24 -7.96
CA THR A 132 7.90 -7.63 -8.94
C THR A 132 7.43 -7.92 -10.36
N LYS A 133 6.93 -9.13 -10.60
CA LYS A 133 6.36 -9.46 -11.91
C LYS A 133 5.14 -8.60 -12.21
N ALA A 134 4.27 -8.41 -11.21
CA ALA A 134 3.09 -7.59 -11.39
C ALA A 134 3.47 -6.15 -11.70
N LEU A 135 4.49 -5.63 -11.02
CA LEU A 135 4.92 -4.26 -11.28
C LEU A 135 5.46 -4.12 -12.69
N ASP A 136 6.24 -5.11 -13.14
CA ASP A 136 6.77 -5.09 -14.51
C ASP A 136 5.68 -5.04 -15.57
N GLY A 137 4.53 -5.66 -15.31
CA GLY A 137 3.41 -5.69 -16.21
C GLY A 137 2.38 -4.62 -16.02
N LEU A 138 2.55 -3.77 -15.03
CA LEU A 138 1.55 -2.74 -14.72
C LEU A 138 1.45 -1.69 -15.83
N VAL A 139 0.24 -1.47 -16.32
CA VAL A 139 -0.04 -0.41 -17.29
C VAL A 139 -0.93 0.60 -16.59
N ASP A 140 -0.39 1.78 -16.33
CA ASP A 140 -1.08 2.83 -15.59
C ASP A 140 -0.78 4.17 -16.26
N ALA B 2 24.55 14.19 23.59
CA ALA B 2 25.35 13.91 22.40
C ALA B 2 24.90 12.61 21.73
N GLN B 3 23.71 12.63 21.11
CA GLN B 3 23.16 11.49 20.38
C GLN B 3 23.10 11.81 18.89
N LEU B 4 23.83 11.05 18.09
CA LEU B 4 24.02 11.43 16.69
C LEU B 4 22.74 11.33 15.88
N LYS B 5 21.94 10.29 16.13
CA LYS B 5 20.73 10.10 15.35
C LYS B 5 19.79 11.28 15.51
N GLY B 6 19.33 11.83 14.39
CA GLY B 6 18.42 12.95 14.41
C GLY B 6 19.06 14.32 14.51
N SER B 7 20.38 14.39 14.61
CA SER B 7 21.06 15.68 14.76
C SER B 7 21.31 16.35 13.40
N LYS B 8 21.62 17.65 13.46
CA LYS B 8 22.08 18.36 12.28
C LYS B 8 23.44 17.81 11.81
N THR B 9 24.26 17.33 12.75
CA THR B 9 25.55 16.75 12.40
C THR B 9 25.39 15.45 11.63
N GLU B 10 24.35 14.65 11.91
CA GLU B 10 24.10 13.48 11.07
C GLU B 10 23.80 13.89 9.63
N GLU B 11 22.95 14.90 9.45
CA GLU B 11 22.64 15.36 8.10
C GLU B 11 23.89 15.92 7.42
N ASN B 12 24.75 16.60 8.18
CA ASN B 12 25.97 17.16 7.60
C ASN B 12 26.92 16.05 7.15
N LEU B 13 27.08 15.00 7.97
CA LEU B 13 27.85 13.84 7.54
C LEU B 13 27.29 13.22 6.27
N LYS B 14 25.97 13.10 6.15
CA LYS B 14 25.39 12.53 4.94
C LYS B 14 25.71 13.41 3.72
N TYR B 15 25.57 14.72 3.88
CA TYR B 15 25.83 15.63 2.77
C TYR B 15 27.31 15.61 2.39
N ALA B 16 28.18 15.66 3.38
CA ALA B 16 29.62 15.60 3.12
C ALA B 16 30.01 14.26 2.49
N PHE B 17 29.38 13.16 2.91
CA PHE B 17 29.65 11.87 2.26
C PHE B 17 29.26 11.89 0.80
N ALA B 18 28.06 12.41 0.49
CA ALA B 18 27.67 12.53 -0.91
C ALA B 18 28.65 13.40 -1.70
N GLY B 19 29.13 14.48 -1.09
CA GLY B 19 30.02 15.37 -1.79
C GLY B 19 31.39 14.76 -2.07
N GLU B 20 31.97 14.09 -1.07
CA GLU B 20 33.27 13.43 -1.28
C GLU B 20 33.15 12.29 -2.29
N SER B 21 32.03 11.57 -2.26
CA SER B 21 31.80 10.51 -3.22
C SER B 21 31.80 11.05 -4.64
N GLN B 22 31.03 12.12 -4.86
CA GLN B 22 30.99 12.75 -6.17
C GLN B 22 32.35 13.34 -6.56
N ALA B 23 33.09 13.87 -5.58
CA ALA B 23 34.41 14.46 -5.89
C ALA B 23 35.34 13.41 -6.45
N ASN B 24 35.38 12.23 -5.83
CA ASN B 24 36.19 11.14 -6.37
C ASN B 24 35.77 10.78 -7.80
N ARG B 25 34.46 10.63 -8.04
CA ARG B 25 34.02 10.30 -9.39
C ARG B 25 34.39 11.40 -10.38
N ARG B 26 34.17 12.67 -10.01
CA ARG B 26 34.51 13.77 -10.91
C ARG B 26 36.00 13.80 -11.22
N TYR B 27 36.84 13.63 -10.20
CA TYR B 27 38.28 13.75 -10.40
C TYR B 27 38.83 12.61 -11.26
N LEU B 28 38.27 11.41 -11.14
CA LEU B 28 38.67 10.34 -12.05
C LEU B 28 38.20 10.58 -13.48
N TYR B 29 37.00 11.16 -13.67
CA TYR B 29 36.58 11.59 -15.00
C TYR B 29 37.54 12.64 -15.57
N PHE B 30 37.87 13.66 -14.76
CA PHE B 30 38.84 14.67 -15.19
C PHE B 30 40.21 14.05 -15.50
N ALA B 31 40.63 13.05 -14.72
CA ALA B 31 41.89 12.38 -15.02
C ALA B 31 41.87 11.72 -16.39
N SER B 32 40.76 11.10 -16.77
N SER B 32 40.77 11.07 -16.73
CA SER B 32 40.70 10.43 -18.07
CA SER B 32 40.66 10.44 -18.04
C SER B 32 40.62 11.42 -19.24
C SER B 32 40.77 11.46 -19.17
N LYS B 33 40.14 12.63 -19.00
CA LYS B 33 40.23 13.68 -20.02
C LYS B 33 41.67 14.15 -20.18
N ALA B 34 42.35 14.38 -19.05
CA ALA B 34 43.76 14.74 -19.09
C ALA B 34 44.60 13.66 -19.76
N ASP B 35 44.30 12.38 -19.48
CA ASP B 35 45.01 11.26 -20.09
C ASP B 35 45.08 11.41 -21.62
N VAL B 36 43.91 11.58 -22.22
CA VAL B 36 43.76 11.62 -23.67
C VAL B 36 44.47 12.85 -24.23
N GLU B 37 44.40 13.97 -23.51
CA GLU B 37 45.08 15.19 -23.94
C GLU B 37 46.60 15.11 -23.86
N GLY B 38 47.15 14.15 -23.14
CA GLY B 38 48.58 14.08 -22.93
C GLY B 38 49.05 14.79 -21.68
N GLN B 39 48.13 15.26 -20.84
CA GLN B 39 48.46 16.03 -19.63
C GLN B 39 48.68 15.04 -18.49
N ASN B 40 49.79 14.29 -18.58
CA ASN B 40 49.98 13.18 -17.66
C ASN B 40 50.26 13.62 -16.23
N ASP B 41 50.91 14.78 -16.03
CA ASP B 41 51.10 15.27 -14.67
C ASP B 41 49.78 15.72 -14.05
N ILE B 42 48.93 16.39 -14.84
N ILE B 42 48.90 16.35 -14.83
CA ILE B 42 47.60 16.77 -14.39
CA ILE B 42 47.60 16.75 -14.29
C ILE B 42 46.80 15.52 -14.02
C ILE B 42 46.70 15.53 -14.05
N ALA B 43 46.78 14.53 -14.92
CA ALA B 43 46.05 13.28 -14.67
C ALA B 43 46.48 12.66 -13.35
N ALA B 44 47.81 12.61 -13.11
CA ALA B 44 48.31 12.02 -11.88
C ALA B 44 47.88 12.81 -10.66
N LEU B 45 47.77 14.13 -10.78
CA LEU B 45 47.28 14.94 -9.67
C LEU B 45 45.80 14.68 -9.39
N PHE B 46 44.96 14.65 -10.42
CA PHE B 46 43.56 14.30 -10.20
C PHE B 46 43.45 12.93 -9.53
N ARG B 47 44.27 11.98 -9.96
CA ARG B 47 44.16 10.64 -9.37
C ARG B 47 44.61 10.63 -7.91
N SER B 48 45.69 11.34 -7.57
N SER B 48 45.68 11.35 -7.56
CA SER B 48 46.12 11.39 -6.19
CA SER B 48 46.12 11.37 -6.16
C SER B 48 45.10 12.12 -5.30
C SER B 48 45.12 12.13 -5.28
N THR B 49 44.53 13.22 -5.80
CA THR B 49 43.52 13.92 -5.02
C THR B 49 42.30 13.03 -4.82
N ALA B 50 41.97 12.23 -5.84
CA ALA B 50 40.82 11.33 -5.73
C ALA B 50 41.02 10.33 -4.60
N GLU B 51 42.26 9.88 -4.38
CA GLU B 51 42.52 8.99 -3.24
C GLU B 51 42.31 9.70 -1.92
N GLY B 52 42.65 10.98 -1.85
CA GLY B 52 42.30 11.75 -0.66
C GLY B 52 40.81 11.76 -0.39
N GLU B 53 40.01 11.96 -1.45
CA GLU B 53 38.55 11.98 -1.29
C GLU B 53 38.02 10.60 -0.89
N THR B 54 38.69 9.52 -1.30
CA THR B 54 38.31 8.20 -0.80
C THR B 54 38.53 8.09 0.71
N GLY B 55 39.66 8.57 1.22
CA GLY B 55 39.88 8.56 2.67
C GLY B 55 38.89 9.41 3.43
N HIS B 56 38.46 10.54 2.84
CA HIS B 56 37.48 11.38 3.48
C HIS B 56 36.11 10.71 3.53
N ALA B 57 35.68 10.15 2.41
CA ALA B 57 34.39 9.45 2.36
C ALA B 57 34.36 8.29 3.34
N HIS B 58 35.46 7.49 3.36
N HIS B 58 35.44 7.53 3.45
CA HIS B 58 35.61 6.38 4.31
CA HIS B 58 35.36 6.37 4.33
C HIS B 58 35.34 6.86 5.73
C HIS B 58 35.53 6.74 5.80
N GLY B 59 36.02 7.94 6.12
CA GLY B 59 35.88 8.45 7.48
C GLY B 59 34.48 8.92 7.80
N HIS B 60 33.83 9.59 6.84
CA HIS B 60 32.42 9.95 7.05
C HIS B 60 31.56 8.71 7.28
N LEU B 61 31.77 7.66 6.47
CA LEU B 61 30.98 6.44 6.61
C LEU B 61 31.21 5.79 7.96
N GLU B 62 32.44 5.84 8.45
CA GLU B 62 32.74 5.27 9.76
C GLU B 62 31.91 5.93 10.84
N TYR B 63 31.73 7.25 10.76
CA TYR B 63 30.86 7.90 11.74
C TYR B 63 29.39 7.53 11.54
N LEU B 64 28.97 7.36 10.29
CA LEU B 64 27.58 7.02 10.00
C LEU B 64 27.23 5.58 10.38
N GLU B 65 28.21 4.73 10.66
CA GLU B 65 27.89 3.37 11.09
C GLU B 65 27.02 3.37 12.35
N ALA B 66 27.07 4.43 13.15
CA ALA B 66 26.24 4.52 14.35
C ALA B 66 24.78 4.85 14.06
N VAL B 67 24.44 5.35 12.86
CA VAL B 67 23.08 5.79 12.60
C VAL B 67 22.44 5.07 11.41
N GLY B 68 23.20 4.48 10.50
CA GLY B 68 22.61 3.81 9.36
C GLY B 68 23.24 4.20 8.03
N ASP B 69 23.12 3.31 7.04
CA ASP B 69 23.63 3.51 5.69
C ASP B 69 23.02 4.77 5.10
N PRO B 70 23.83 5.72 4.63
CA PRO B 70 23.23 6.97 4.10
C PRO B 70 22.30 6.75 2.91
N ALA B 71 22.42 5.66 2.17
CA ALA B 71 21.56 5.39 1.03
C ALA B 71 20.22 4.74 1.39
N THR B 72 20.16 3.99 2.50
CA THR B 72 18.99 3.17 2.82
C THR B 72 18.45 3.36 4.22
N GLY B 73 19.22 3.92 5.15
CA GLY B 73 18.83 3.99 6.54
C GLY B 73 19.07 2.73 7.35
N LEU B 74 19.51 1.67 6.73
CA LEU B 74 19.63 0.37 7.38
C LEU B 74 20.97 0.21 8.07
N PRO B 75 21.07 -0.66 9.05
CA PRO B 75 22.38 -0.95 9.67
C PRO B 75 23.39 -1.47 8.66
N PHE B 76 24.65 -1.16 8.92
CA PHE B 76 25.73 -1.72 8.12
C PHE B 76 26.95 -1.94 9.00
N GLY B 77 27.85 -2.77 8.52
CA GLY B 77 29.02 -3.15 9.27
C GLY B 77 29.49 -4.54 8.92
N THR B 78 28.74 -5.58 9.28
CA THR B 78 29.10 -6.92 8.90
C THR B 78 28.71 -7.20 7.45
N SER B 79 29.33 -8.23 6.86
CA SER B 79 29.00 -8.57 5.48
C SER B 79 27.52 -8.91 5.32
N ARG B 80 26.94 -9.58 6.32
CA ARG B 80 25.50 -9.87 6.20
C ARG B 80 24.68 -8.59 6.18
N GLN B 81 25.00 -7.66 7.07
CA GLN B 81 24.31 -6.37 7.08
C GLN B 81 24.54 -5.61 5.78
N ASN B 82 25.79 -5.60 5.30
CA ASN B 82 26.10 -4.83 4.09
C ASN B 82 25.35 -5.37 2.87
N LEU B 83 25.32 -6.69 2.72
CA LEU B 83 24.57 -7.28 1.63
C LEU B 83 23.09 -6.95 1.75
N GLN B 84 22.55 -7.03 2.96
CA GLN B 84 21.14 -6.68 3.14
C GLN B 84 20.87 -5.23 2.74
N SER B 85 21.74 -4.30 3.14
CA SER B 85 21.54 -2.91 2.75
C SER B 85 21.73 -2.73 1.25
N ALA B 86 22.73 -3.40 0.66
CA ALA B 86 22.94 -3.26 -0.78
C ALA B 86 21.74 -3.76 -1.57
N ILE B 87 21.15 -4.89 -1.16
CA ILE B 87 19.98 -5.43 -1.85
C ILE B 87 18.81 -4.46 -1.75
N ALA B 88 18.57 -3.89 -0.57
CA ALA B 88 17.48 -2.94 -0.41
C ALA B 88 17.64 -1.71 -1.32
N GLY B 89 18.85 -1.15 -1.37
CA GLY B 89 19.08 0.01 -2.22
C GLY B 89 18.96 -0.31 -3.69
N GLU B 90 19.56 -1.42 -4.13
CA GLU B 90 19.43 -1.81 -5.52
C GLU B 90 17.97 -2.06 -5.90
N THR B 91 17.21 -2.68 -5.00
CA THR B 91 15.80 -2.96 -5.29
C THR B 91 15.04 -1.65 -5.48
N HIS B 92 15.31 -0.65 -4.66
CA HIS B 92 14.72 0.66 -4.90
C HIS B 92 15.08 1.21 -6.27
N GLU B 93 16.34 1.03 -6.69
CA GLU B 93 16.76 1.60 -7.97
C GLU B 93 16.05 0.96 -9.16
N TYR B 94 15.80 -0.35 -9.14
CA TYR B 94 15.25 -0.95 -10.34
C TYR B 94 13.73 -1.03 -10.33
N THR B 95 13.08 -0.93 -9.18
CA THR B 95 11.63 -0.93 -9.12
C THR B 95 11.01 0.45 -9.13
N ASP B 96 11.79 1.48 -8.79
CA ASP B 96 11.27 2.82 -8.59
C ASP B 96 12.13 3.86 -9.31
N MET B 97 13.39 4.05 -8.87
CA MET B 97 14.15 5.22 -9.31
C MET B 97 14.37 5.27 -10.82
N TYR B 98 15.08 4.30 -11.37
CA TYR B 98 15.44 4.46 -12.79
C TYR B 98 14.25 4.33 -13.75
N PRO B 99 13.31 3.42 -13.52
CA PRO B 99 12.08 3.44 -14.38
C PRO B 99 11.38 4.77 -14.38
N GLY B 100 11.26 5.40 -13.21
CA GLY B 100 10.59 6.68 -13.11
C GLY B 100 11.35 7.78 -13.82
N MET B 101 12.69 7.75 -13.73
CA MET B 101 13.52 8.70 -14.46
C MET B 101 13.42 8.47 -15.97
N ALA B 102 13.33 7.21 -16.38
CA ALA B 102 13.17 6.91 -17.80
C ALA B 102 11.87 7.47 -18.34
N LYS B 103 10.79 7.36 -17.56
CA LYS B 103 9.49 7.84 -18.02
C LYS B 103 9.50 9.34 -18.16
N THR B 104 10.07 10.03 -17.17
CA THR B 104 10.16 11.48 -17.25
C THR B 104 11.00 11.92 -18.44
N ALA B 105 12.10 11.23 -18.71
CA ALA B 105 12.94 11.57 -19.86
C ALA B 105 12.17 11.41 -21.15
N ARG B 106 11.43 10.32 -21.31
N ARG B 106 11.48 10.29 -21.32
CA ARG B 106 10.66 10.15 -22.53
CA ARG B 106 10.61 10.10 -22.48
C ARG B 106 9.53 11.16 -22.64
C ARG B 106 9.62 11.25 -22.60
N ASP B 107 8.91 11.54 -21.52
CA ASP B 107 7.87 12.56 -21.56
C ASP B 107 8.41 13.94 -21.93
N GLU B 108 9.65 14.23 -21.58
CA GLU B 108 10.28 15.52 -21.91
C GLU B 108 10.98 15.49 -23.26
N GLY B 109 11.03 14.34 -23.91
CA GLY B 109 11.60 14.23 -25.24
C GLY B 109 13.06 13.87 -25.33
N PHE B 110 13.68 13.38 -24.24
CA PHE B 110 15.06 12.93 -24.28
C PHE B 110 15.06 11.40 -24.44
N GLU B 111 14.95 10.94 -25.69
CA GLU B 111 14.78 9.51 -25.93
C GLU B 111 16.06 8.74 -25.60
N GLU B 112 17.22 9.27 -25.97
CA GLU B 112 18.45 8.53 -25.70
C GLU B 112 18.72 8.45 -24.19
N ILE B 113 18.47 9.52 -23.44
CA ILE B 113 18.63 9.46 -22.00
C ILE B 113 17.61 8.50 -21.38
N ALA B 114 16.40 8.45 -21.94
CA ALA B 114 15.43 7.47 -21.46
C ALA B 114 15.97 6.05 -21.62
N ASN B 115 16.53 5.74 -22.79
CA ASN B 115 17.05 4.39 -23.02
C ASN B 115 18.23 4.12 -22.08
N TRP B 116 19.03 5.14 -21.80
CA TRP B 116 20.11 4.99 -20.82
C TRP B 116 19.58 4.62 -19.45
N PHE B 117 18.54 5.32 -18.99
CA PHE B 117 17.98 4.98 -17.68
C PHE B 117 17.40 3.58 -17.67
N GLU B 118 16.82 3.14 -18.78
CA GLU B 118 16.29 1.78 -18.85
C GLU B 118 17.41 0.76 -18.80
N THR B 119 18.52 1.03 -19.48
CA THR B 119 19.68 0.15 -19.40
C THR B 119 20.14 0.01 -17.97
N LEU B 120 20.17 1.14 -17.24
CA LEU B 120 20.61 1.13 -15.85
C LEU B 120 19.60 0.41 -14.95
N ALA B 121 18.30 0.54 -15.21
CA ALA B 121 17.33 -0.22 -14.39
C ALA B 121 17.59 -1.71 -14.51
N LYS B 122 17.88 -2.17 -15.73
CA LYS B 122 18.19 -3.58 -15.96
C LYS B 122 19.49 -3.98 -15.26
N ALA B 123 20.51 -3.13 -15.32
CA ALA B 123 21.77 -3.43 -14.66
C ALA B 123 21.62 -3.55 -13.15
N GLU B 124 20.87 -2.62 -12.54
CA GLU B 124 20.69 -2.63 -11.10
C GLU B 124 19.87 -3.83 -10.65
N ARG B 125 18.91 -4.27 -11.48
CA ARG B 125 18.22 -5.55 -11.19
C ARG B 125 19.22 -6.71 -11.19
N SER B 126 20.14 -6.73 -12.14
CA SER B 126 21.18 -7.73 -12.14
C SER B 126 22.02 -7.66 -10.86
N HIS B 127 22.44 -6.45 -10.47
CA HIS B 127 23.20 -6.27 -9.22
C HIS B 127 22.43 -6.81 -8.03
N ALA B 128 21.15 -6.42 -7.93
CA ALA B 128 20.33 -6.88 -6.81
C ALA B 128 20.27 -8.41 -6.75
N ASN B 129 19.99 -9.05 -7.90
CA ASN B 129 19.87 -10.50 -7.94
C ASN B 129 21.19 -11.19 -7.59
N ARG B 130 22.31 -10.64 -8.06
CA ARG B 130 23.61 -11.22 -7.73
C ARG B 130 23.95 -11.09 -6.23
N TYR B 131 23.62 -9.94 -5.62
CA TYR B 131 23.84 -9.79 -4.21
C TYR B 131 22.93 -10.72 -3.40
N THR B 132 21.72 -10.96 -3.89
CA THR B 132 20.81 -11.86 -3.19
C THR B 132 21.35 -13.29 -3.21
N LYS B 133 21.90 -13.71 -4.34
CA LYS B 133 22.55 -15.02 -4.44
C LYS B 133 23.76 -15.11 -3.51
N ALA B 134 24.56 -14.05 -3.44
CA ALA B 134 25.69 -14.06 -2.52
C ALA B 134 25.23 -14.16 -1.05
N LEU B 135 24.16 -13.45 -0.69
CA LEU B 135 23.65 -13.51 0.67
C LEU B 135 23.16 -14.91 1.00
N ASP B 136 22.49 -15.55 0.03
CA ASP B 136 22.02 -16.93 0.24
C ASP B 136 23.18 -17.87 0.53
N GLY B 137 24.34 -17.64 -0.10
CA GLY B 137 25.50 -18.46 0.13
C GLY B 137 26.39 -18.04 1.29
N LEU B 138 26.05 -16.99 2.03
CA LEU B 138 26.95 -16.44 3.02
C LEU B 138 27.01 -17.36 4.23
N VAL B 139 28.22 -17.78 4.61
CA VAL B 139 28.44 -18.53 5.84
C VAL B 139 29.22 -17.63 6.80
N ASP B 140 28.59 -17.22 7.88
CA ASP B 140 29.26 -16.36 8.85
C ASP B 140 29.02 -16.82 10.29
N ALA C 2 14.23 19.61 -27.68
CA ALA C 2 14.16 19.69 -26.22
C ALA C 2 15.52 20.06 -25.65
N GLN C 3 15.57 21.01 -24.73
CA GLN C 3 16.83 21.45 -24.14
C GLN C 3 16.96 20.93 -22.72
N LEU C 4 18.11 20.35 -22.42
CA LEU C 4 18.29 19.65 -21.14
C LEU C 4 18.31 20.63 -19.98
N LYS C 5 18.91 21.80 -20.16
CA LYS C 5 19.02 22.74 -19.06
C LYS C 5 17.64 23.17 -18.58
N GLY C 6 17.44 23.15 -17.26
CA GLY C 6 16.17 23.47 -16.65
C GLY C 6 15.15 22.36 -16.60
N SER C 7 15.41 21.23 -17.24
CA SER C 7 14.43 20.15 -17.29
C SER C 7 14.45 19.31 -16.01
N LYS C 8 13.40 18.51 -15.85
N LYS C 8 13.38 18.53 -15.85
CA LYS C 8 13.40 17.57 -14.73
CA LYS C 8 13.33 17.54 -14.77
C LYS C 8 14.41 16.45 -14.95
C LYS C 8 14.40 16.48 -14.96
N THR C 9 14.70 16.13 -16.22
CA THR C 9 15.70 15.12 -16.53
C THR C 9 17.11 15.59 -16.14
N GLU C 10 17.38 16.88 -16.23
CA GLU C 10 18.65 17.38 -15.70
C GLU C 10 18.78 17.10 -14.21
N GLU C 11 17.73 17.41 -13.45
CA GLU C 11 17.77 17.15 -12.02
C GLU C 11 17.89 15.66 -11.74
N ASN C 12 17.22 14.83 -12.54
CA ASN C 12 17.33 13.38 -12.37
C ASN C 12 18.75 12.89 -12.63
N LEU C 13 19.41 13.40 -13.67
CA LEU C 13 20.81 13.02 -13.91
C LEU C 13 21.70 13.43 -12.74
N LYS C 14 21.49 14.62 -12.18
CA LYS C 14 22.29 15.05 -11.03
C LYS C 14 22.08 14.13 -9.84
N TYR C 15 20.83 13.78 -9.57
CA TYR C 15 20.52 12.90 -8.46
C TYR C 15 21.11 11.51 -8.68
N ALA C 16 20.95 10.98 -9.89
CA ALA C 16 21.48 9.64 -10.19
C ALA C 16 23.01 9.63 -10.15
N PHE C 17 23.66 10.71 -10.61
CA PHE C 17 25.11 10.79 -10.48
C PHE C 17 25.53 10.74 -9.02
N ALA C 18 24.84 11.49 -8.17
CA ALA C 18 25.15 11.47 -6.74
C ALA C 18 24.96 10.08 -6.15
N GLY C 19 23.90 9.39 -6.58
CA GLY C 19 23.61 8.07 -6.05
C GLY C 19 24.60 7.01 -6.51
N GLU C 20 24.96 7.04 -7.80
CA GLU C 20 25.96 6.09 -8.30
C GLU C 20 27.33 6.37 -7.65
N SER C 21 27.69 7.65 -7.49
CA SER C 21 28.95 7.98 -6.86
C SER C 21 29.02 7.38 -5.46
N GLN C 22 27.95 7.58 -4.68
CA GLN C 22 27.87 7.05 -3.32
C GLN C 22 27.86 5.52 -3.33
N ALA C 23 27.21 4.91 -4.32
CA ALA C 23 27.18 3.44 -4.39
C ALA C 23 28.59 2.86 -4.53
N ASN C 24 29.42 3.47 -5.38
CA ASN C 24 30.79 2.98 -5.50
C ASN C 24 31.52 3.08 -4.17
N ARG C 25 31.45 4.25 -3.49
CA ARG C 25 32.10 4.42 -2.20
C ARG C 25 31.57 3.43 -1.16
N ARG C 26 30.24 3.25 -1.12
CA ARG C 26 29.66 2.30 -0.16
C ARG C 26 30.14 0.88 -0.43
N TYR C 27 30.12 0.45 -1.68
CA TYR C 27 30.49 -0.93 -2.01
C TYR C 27 31.98 -1.18 -1.75
N LEU C 28 32.84 -0.18 -1.97
CA LEU C 28 34.25 -0.37 -1.61
C LEU C 28 34.44 -0.46 -0.09
N TYR C 29 33.69 0.31 0.68
CA TYR C 29 33.72 0.19 2.13
C TYR C 29 33.27 -1.20 2.55
N PHE C 30 32.17 -1.66 1.98
CA PHE C 30 31.68 -3.02 2.26
C PHE C 30 32.72 -4.07 1.90
N ALA C 31 33.41 -3.89 0.77
CA ALA C 31 34.46 -4.84 0.38
C ALA C 31 35.57 -4.90 1.43
N SER C 32 35.95 -3.74 1.98
N SER C 32 35.93 -3.73 2.00
CA SER C 32 36.97 -3.72 3.01
CA SER C 32 36.97 -3.69 3.02
C SER C 32 36.52 -4.49 4.24
C SER C 32 36.54 -4.39 4.30
N LYS C 33 35.25 -4.35 4.64
CA LYS C 33 34.76 -5.10 5.79
C LYS C 33 34.78 -6.61 5.50
N ALA C 34 34.36 -6.99 4.30
CA ALA C 34 34.42 -8.39 3.88
C ALA C 34 35.86 -8.90 3.87
N ASP C 35 36.80 -8.08 3.39
CA ASP C 35 38.22 -8.41 3.45
C ASP C 35 38.65 -8.87 4.84
N VAL C 36 38.38 -8.04 5.84
CA VAL C 36 38.85 -8.33 7.20
C VAL C 36 38.19 -9.59 7.74
N GLU C 37 36.91 -9.81 7.39
CA GLU C 37 36.18 -10.98 7.87
C GLU C 37 36.63 -12.28 7.20
N GLY C 38 37.40 -12.22 6.13
CA GLY C 38 37.80 -13.39 5.38
C GLY C 38 36.82 -13.80 4.30
N GLN C 39 35.84 -12.93 3.99
CA GLN C 39 34.81 -13.23 3.01
C GLN C 39 35.28 -12.74 1.63
N ASN C 40 36.26 -13.48 1.10
CA ASN C 40 36.95 -12.96 -0.09
C ASN C 40 36.08 -13.00 -1.35
N ASP C 41 35.18 -13.99 -1.51
CA ASP C 41 34.29 -13.98 -2.66
C ASP C 41 33.31 -12.81 -2.61
N ILE C 42 32.77 -12.53 -1.42
N ILE C 42 32.81 -12.48 -1.41
CA ILE C 42 31.91 -11.37 -1.23
CA ILE C 42 31.89 -11.34 -1.29
C ILE C 42 32.66 -10.10 -1.58
C ILE C 42 32.63 -10.02 -1.49
N ALA C 43 33.87 -9.93 -1.01
CA ALA C 43 34.67 -8.73 -1.27
C ALA C 43 34.88 -8.55 -2.76
N ALA C 44 35.20 -9.64 -3.47
CA ALA C 44 35.42 -9.55 -4.91
C ALA C 44 34.15 -9.13 -5.64
N LEU C 45 33.00 -9.59 -5.17
CA LEU C 45 31.73 -9.18 -5.77
C LEU C 45 31.44 -7.70 -5.52
N PHE C 46 31.64 -7.21 -4.30
CA PHE C 46 31.46 -5.78 -4.04
C PHE C 46 32.38 -4.95 -4.93
N ARG C 47 33.62 -5.40 -5.14
CA ARG C 47 34.53 -4.64 -5.99
C ARG C 47 34.09 -4.66 -7.45
N SER C 48 33.62 -5.81 -7.95
CA SER C 48 33.16 -5.89 -9.33
C SER C 48 31.92 -5.02 -9.56
N THR C 49 30.97 -5.07 -8.63
CA THR C 49 29.79 -4.22 -8.75
C THR C 49 30.16 -2.74 -8.67
N ALA C 50 31.16 -2.40 -7.85
CA ALA C 50 31.62 -1.01 -7.76
C ALA C 50 32.13 -0.52 -9.13
N GLU C 51 32.78 -1.39 -9.89
CA GLU C 51 33.17 -1.02 -11.26
C GLU C 51 31.97 -0.69 -12.13
N GLY C 52 30.88 -1.45 -11.98
CA GLY C 52 29.65 -1.11 -12.69
C GLY C 52 29.14 0.27 -12.35
N GLU C 53 29.17 0.61 -11.07
CA GLU C 53 28.71 1.93 -10.64
C GLU C 53 29.62 3.03 -11.20
N THR C 54 30.91 2.73 -11.37
CA THR C 54 31.80 3.72 -11.99
C THR C 54 31.37 3.99 -13.42
N GLY C 55 31.04 2.94 -14.17
CA GLY C 55 30.57 3.13 -15.53
C GLY C 55 29.26 3.88 -15.59
N HIS C 56 28.36 3.61 -14.64
CA HIS C 56 27.10 4.34 -14.64
C HIS C 56 27.34 5.82 -14.33
N ALA C 57 28.13 6.12 -13.30
CA ALA C 57 28.40 7.51 -12.94
C ALA C 57 29.06 8.25 -14.09
N HIS C 58 30.05 7.62 -14.74
N HIS C 58 29.99 7.64 -14.79
CA HIS C 58 30.70 8.18 -15.93
CA HIS C 58 30.65 8.40 -15.83
C HIS C 58 29.66 8.60 -16.94
C HIS C 58 29.79 8.52 -17.10
N GLY C 59 28.75 7.69 -17.26
CA GLY C 59 27.77 7.96 -18.29
C GLY C 59 26.85 9.11 -17.94
N HIS C 60 26.40 9.16 -16.68
CA HIS C 60 25.62 10.31 -16.21
C HIS C 60 26.42 11.60 -16.41
N LEU C 61 27.72 11.57 -16.09
CA LEU C 61 28.53 12.79 -16.24
C LEU C 61 28.65 13.22 -17.69
N GLU C 62 28.79 12.24 -18.58
CA GLU C 62 28.88 12.56 -20.00
C GLU C 62 27.65 13.33 -20.48
N TYR C 63 26.44 12.91 -20.03
CA TYR C 63 25.26 13.68 -20.41
C TYR C 63 25.24 15.04 -19.74
N LEU C 64 25.77 15.16 -18.50
CA LEU C 64 25.78 16.44 -17.81
C LEU C 64 26.78 17.43 -18.40
N GLU C 65 27.67 17.00 -19.30
CA GLU C 65 28.57 17.98 -19.93
C GLU C 65 27.79 19.08 -20.62
N ALA C 66 26.59 18.77 -21.11
CA ALA C 66 25.77 19.77 -21.82
C ALA C 66 25.28 20.89 -20.91
N VAL C 67 25.24 20.68 -19.60
CA VAL C 67 24.66 21.66 -18.70
C VAL C 67 25.62 22.13 -17.62
N GLY C 68 26.74 21.44 -17.38
CA GLY C 68 27.69 21.88 -16.39
C GLY C 68 27.93 20.89 -15.27
N ASP C 69 29.03 21.06 -14.57
CA ASP C 69 29.49 20.18 -13.50
C ASP C 69 28.42 20.12 -12.41
N PRO C 70 27.93 18.94 -12.03
CA PRO C 70 26.88 18.91 -11.00
C PRO C 70 27.31 19.47 -9.66
N ALA C 71 28.61 19.65 -9.41
CA ALA C 71 29.08 20.20 -8.14
C ALA C 71 29.23 21.72 -8.14
N THR C 72 29.39 22.35 -9.30
CA THR C 72 29.70 23.78 -9.37
C THR C 72 28.91 24.58 -10.38
N GLY C 73 28.27 23.95 -11.38
CA GLY C 73 27.64 24.70 -12.44
C GLY C 73 28.57 25.12 -13.55
N LEU C 74 29.89 25.00 -13.37
CA LEU C 74 30.85 25.43 -14.37
C LEU C 74 30.93 24.41 -15.52
N PRO C 75 31.31 24.86 -16.72
CA PRO C 75 31.52 23.91 -17.81
C PRO C 75 32.70 23.01 -17.50
N PHE C 76 32.68 21.81 -18.09
CA PHE C 76 33.77 20.89 -17.89
C PHE C 76 33.97 20.11 -19.18
N GLY C 77 35.14 19.46 -19.27
CA GLY C 77 35.57 18.79 -20.47
C GLY C 77 37.07 18.87 -20.66
N THR C 78 37.59 20.08 -20.91
CA THR C 78 39.02 20.25 -21.10
C THR C 78 39.73 20.32 -19.75
N SER C 79 41.02 20.05 -19.72
CA SER C 79 41.74 20.13 -18.45
C SER C 79 41.67 21.53 -17.86
N ARG C 80 41.75 22.59 -18.69
CA ARG C 80 41.60 23.96 -18.15
C ARG C 80 40.27 24.16 -17.45
N GLN C 81 39.17 23.73 -18.09
CA GLN C 81 37.88 23.85 -17.45
C GLN C 81 37.77 22.98 -16.20
N ASN C 82 38.27 21.75 -16.27
CA ASN C 82 38.14 20.81 -15.17
C ASN C 82 38.86 21.32 -13.93
N LEU C 83 40.05 21.87 -14.11
CA LEU C 83 40.79 22.43 -12.99
C LEU C 83 40.06 23.61 -12.38
N GLN C 84 39.47 24.49 -13.24
CA GLN C 84 38.72 25.63 -12.70
C GLN C 84 37.53 25.17 -11.89
N SER C 85 36.84 24.12 -12.34
CA SER C 85 35.71 23.60 -11.59
C SER C 85 36.16 22.95 -10.28
N ALA C 86 37.24 22.18 -10.32
CA ALA C 86 37.79 21.59 -9.10
C ALA C 86 38.19 22.65 -8.09
N ILE C 87 38.83 23.72 -8.55
CA ILE C 87 39.23 24.80 -7.65
C ILE C 87 38.01 25.45 -7.02
N ALA C 88 36.99 25.78 -7.82
CA ALA C 88 35.81 26.43 -7.27
C ALA C 88 35.14 25.56 -6.21
N GLY C 89 34.99 24.26 -6.48
CA GLY C 89 34.37 23.38 -5.51
C GLY C 89 35.18 23.25 -4.24
N GLU C 90 36.49 23.03 -4.39
CA GLU C 90 37.36 22.91 -3.23
C GLU C 90 37.36 24.18 -2.41
N THR C 91 37.24 25.33 -3.06
CA THR C 91 37.30 26.59 -2.33
C THR C 91 36.05 26.75 -1.49
N HIS C 92 34.91 26.34 -2.02
CA HIS C 92 33.69 26.36 -1.22
C HIS C 92 33.78 25.44 -0.01
N GLU C 93 34.36 24.24 -0.19
CA GLU C 93 34.45 23.29 0.93
C GLU C 93 35.34 23.80 2.07
N TYR C 94 36.45 24.44 1.74
CA TYR C 94 37.40 24.80 2.80
C TYR C 94 37.06 26.15 3.42
N THR C 95 36.45 27.05 2.66
CA THR C 95 36.11 28.35 3.23
C THR C 95 34.74 28.36 3.92
N ASP C 96 33.79 27.55 3.45
CA ASP C 96 32.41 27.63 3.91
CA ASP C 96 32.39 27.61 3.87
C ASP C 96 31.91 26.31 4.45
N MET C 97 31.90 25.21 3.67
CA MET C 97 31.19 24.01 4.09
C MET C 97 31.79 23.38 5.35
N TYR C 98 33.05 22.96 5.29
CA TYR C 98 33.55 22.17 6.41
C TYR C 98 33.73 23.00 7.68
N PRO C 99 34.18 24.26 7.60
CA PRO C 99 34.13 25.11 8.80
C PRO C 99 32.73 25.27 9.37
N GLY C 100 31.71 25.43 8.52
CA GLY C 100 30.34 25.51 9.01
C GLY C 100 29.92 24.24 9.71
N MET C 101 30.26 23.08 9.14
CA MET C 101 29.90 21.80 9.74
C MET C 101 30.62 21.56 11.05
N ALA C 102 31.88 21.99 11.14
CA ALA C 102 32.61 21.81 12.38
C ALA C 102 31.97 22.61 13.50
N LYS C 103 31.51 23.82 13.21
CA LYS C 103 30.90 24.66 14.25
C LYS C 103 29.59 24.04 14.73
N THR C 104 28.79 23.50 13.82
CA THR C 104 27.55 22.85 14.20
C THR C 104 27.81 21.62 15.06
N ALA C 105 28.84 20.85 14.72
CA ALA C 105 29.14 19.65 15.49
C ALA C 105 29.59 20.02 16.90
N ARG C 106 30.46 21.02 17.02
CA ARG C 106 30.95 21.42 18.34
C ARG C 106 29.81 21.95 19.21
N ASP C 107 28.91 22.74 18.61
CA ASP C 107 27.75 23.24 19.32
C ASP C 107 26.84 22.11 19.81
N GLU C 108 26.72 21.05 19.02
CA GLU C 108 25.86 19.93 19.37
C GLU C 108 26.54 18.91 20.28
N GLY C 109 27.81 19.09 20.62
CA GLY C 109 28.50 18.22 21.54
C GLY C 109 29.31 17.09 20.94
N PHE C 110 29.59 17.14 19.62
CA PHE C 110 30.34 16.07 18.97
C PHE C 110 31.76 16.58 18.69
N GLU C 111 32.58 16.60 19.75
CA GLU C 111 33.88 17.25 19.64
C GLU C 111 34.78 16.52 18.64
N GLU C 112 34.75 15.19 18.64
CA GLU C 112 35.61 14.44 17.74
C GLU C 112 35.22 14.69 16.28
N ILE C 113 33.92 14.69 15.98
CA ILE C 113 33.47 14.94 14.62
C ILE C 113 33.79 16.37 14.21
N ALA C 114 33.72 17.31 15.15
CA ALA C 114 34.12 18.68 14.84
C ALA C 114 35.59 18.75 14.42
N ASN C 115 36.46 18.04 15.15
CA ASN C 115 37.88 18.02 14.80
C ASN C 115 38.12 17.32 13.46
N TRP C 116 37.33 16.29 13.16
CA TRP C 116 37.38 15.65 11.84
C TRP C 116 37.05 16.65 10.74
N PHE C 117 35.94 17.39 10.89
CA PHE C 117 35.59 18.39 9.89
C PHE C 117 36.66 19.47 9.76
N GLU C 118 37.34 19.82 10.85
CA GLU C 118 38.43 20.79 10.77
C GLU C 118 39.64 20.23 10.03
N THR C 119 39.97 18.96 10.29
CA THR C 119 41.01 18.27 9.51
C THR C 119 40.68 18.32 8.01
N LEU C 120 39.42 18.06 7.66
N LEU C 120 39.43 18.11 7.65
CA LEU C 120 39.04 18.06 6.25
CA LEU C 120 39.07 18.07 6.23
C LEU C 120 39.15 19.46 5.66
C LEU C 120 39.05 19.45 5.62
N ALA C 121 38.74 20.48 6.40
CA ALA C 121 38.85 21.84 5.90
C ALA C 121 40.29 22.15 5.50
N LYS C 122 41.26 21.72 6.31
N LYS C 122 41.25 21.76 6.34
CA LYS C 122 42.66 21.97 5.99
CA LYS C 122 42.66 21.96 6.00
C LYS C 122 43.13 21.11 4.82
C LYS C 122 43.04 21.16 4.76
N ALA C 123 42.56 19.90 4.67
CA ALA C 123 42.92 19.05 3.53
C ALA C 123 42.42 19.65 2.24
N GLU C 124 41.15 20.12 2.22
CA GLU C 124 40.60 20.67 0.99
C GLU C 124 41.30 21.95 0.60
N ARG C 125 41.78 22.73 1.58
CA ARG C 125 42.57 23.92 1.25
C ARG C 125 43.84 23.52 0.53
N SER C 126 44.51 22.45 0.99
CA SER C 126 45.68 21.92 0.31
C SER C 126 45.33 21.47 -1.11
N HIS C 127 44.23 20.74 -1.29
CA HIS C 127 43.79 20.38 -2.63
C HIS C 127 43.57 21.61 -3.53
N ALA C 128 42.87 22.62 -3.02
CA ALA C 128 42.62 23.80 -3.82
C ALA C 128 43.91 24.49 -4.24
N ASN C 129 44.85 24.63 -3.31
CA ASN C 129 46.11 25.28 -3.64
C ASN C 129 46.90 24.48 -4.65
N ARG C 130 46.90 23.15 -4.53
CA ARG C 130 47.64 22.33 -5.48
C ARG C 130 47.03 22.42 -6.88
N TYR C 131 45.70 22.45 -6.96
CA TYR C 131 45.03 22.58 -8.25
C TYR C 131 45.29 23.95 -8.88
N THR C 132 45.35 24.99 -8.07
CA THR C 132 45.62 26.32 -8.61
C THR C 132 47.04 26.40 -9.16
N LYS C 133 47.99 25.77 -8.47
CA LYS C 133 49.36 25.68 -9.00
C LYS C 133 49.38 24.91 -10.31
N ALA C 134 48.65 23.80 -10.38
CA ALA C 134 48.59 23.05 -11.63
C ALA C 134 47.97 23.88 -12.77
N LEU C 135 46.92 24.64 -12.48
CA LEU C 135 46.28 25.47 -13.50
C LEU C 135 47.25 26.54 -14.01
N ASP C 136 48.01 27.16 -13.11
CA ASP C 136 48.97 28.17 -13.53
C ASP C 136 50.06 27.59 -14.41
N GLY C 137 50.45 26.33 -14.17
CA GLY C 137 51.46 25.68 -14.99
C GLY C 137 50.95 25.04 -16.26
N LEU C 138 49.64 24.96 -16.45
CA LEU C 138 49.07 24.25 -17.57
C LEU C 138 49.46 24.89 -18.90
N VAL C 139 49.92 24.06 -19.83
CA VAL C 139 50.23 24.47 -21.19
C VAL C 139 49.32 23.65 -22.10
N ASP C 140 48.35 24.30 -22.72
CA ASP C 140 47.42 23.58 -23.59
C ASP C 140 47.29 24.29 -24.93
N ALA D 2 14.32 -26.33 26.71
CA ALA D 2 14.24 -24.92 26.32
C ALA D 2 12.78 -24.45 26.42
N GLN D 3 12.52 -23.40 27.20
CA GLN D 3 11.18 -22.89 27.40
C GLN D 3 11.02 -21.56 26.64
N LEU D 4 9.90 -21.43 25.96
CA LEU D 4 9.68 -20.27 25.10
C LEU D 4 9.54 -19.00 25.93
N LYS D 5 8.91 -19.08 27.09
CA LYS D 5 8.67 -17.88 27.88
C LYS D 5 10.00 -17.25 28.29
N GLY D 6 10.12 -15.94 28.05
CA GLY D 6 11.31 -15.19 28.39
C GLY D 6 12.41 -15.22 27.36
N SER D 7 12.20 -15.87 26.21
CA SER D 7 13.26 -16.03 25.21
C SER D 7 13.21 -14.91 24.19
N LYS D 8 14.32 -14.79 23.43
CA LYS D 8 14.31 -13.90 22.27
C LYS D 8 13.33 -14.37 21.21
N THR D 9 13.13 -15.69 21.10
CA THR D 9 12.22 -16.23 20.10
C THR D 9 10.77 -15.86 20.39
N GLU D 10 10.39 -15.81 21.67
CA GLU D 10 9.08 -15.28 22.03
C GLU D 10 8.91 -13.85 21.51
N GLU D 11 9.91 -12.99 21.74
CA GLU D 11 9.82 -11.61 21.25
C GLU D 11 9.73 -11.57 19.74
N ASN D 12 10.49 -12.44 19.06
CA ASN D 12 10.44 -12.49 17.61
C ASN D 12 9.06 -12.91 17.10
N LEU D 13 8.45 -13.91 17.73
CA LEU D 13 7.11 -14.31 17.33
C LEU D 13 6.10 -13.18 17.51
N LYS D 14 6.22 -12.42 18.60
CA LYS D 14 5.31 -11.28 18.81
C LYS D 14 5.51 -10.21 17.75
N TYR D 15 6.76 -9.93 17.41
CA TYR D 15 7.04 -8.94 16.38
C TYR D 15 6.57 -9.41 15.01
N ALA D 16 6.84 -10.68 14.68
CA ALA D 16 6.41 -11.20 13.39
C ALA D 16 4.88 -11.26 13.31
N PHE D 17 4.21 -11.58 14.42
CA PHE D 17 2.75 -11.58 14.43
C PHE D 17 2.19 -10.19 14.12
N ALA D 18 2.75 -9.16 14.77
CA ALA D 18 2.36 -7.79 14.48
C ALA D 18 2.60 -7.42 13.02
N GLY D 19 3.74 -7.84 12.45
CA GLY D 19 4.04 -7.49 11.07
C GLY D 19 3.13 -8.17 10.06
N GLU D 20 2.88 -9.49 10.24
CA GLU D 20 1.98 -10.21 9.35
C GLU D 20 0.55 -9.68 9.45
N SER D 21 0.11 -9.31 10.66
CA SER D 21 -1.23 -8.73 10.84
C SER D 21 -1.36 -7.44 10.05
N GLN D 22 -0.38 -6.54 10.19
CA GLN D 22 -0.34 -5.32 9.42
C GLN D 22 -0.21 -5.57 7.92
N ALA D 23 0.52 -6.62 7.51
CA ALA D 23 0.64 -6.88 6.09
C ALA D 23 -0.72 -7.24 5.47
N ASN D 24 -1.53 -8.04 6.16
CA ASN D 24 -2.86 -8.34 5.63
C ASN D 24 -3.70 -7.07 5.50
N ARG D 25 -3.72 -6.24 6.55
CA ARG D 25 -4.50 -5.01 6.47
C ARG D 25 -3.98 -4.09 5.37
N ARG D 26 -2.65 -3.97 5.23
CA ARG D 26 -2.10 -3.12 4.18
C ARG D 26 -2.46 -3.63 2.79
N TYR D 27 -2.32 -4.94 2.57
CA TYR D 27 -2.60 -5.51 1.25
C TYR D 27 -4.09 -5.39 0.89
N LEU D 28 -4.99 -5.52 1.87
CA LEU D 28 -6.39 -5.30 1.55
C LEU D 28 -6.67 -3.84 1.23
N TYR D 29 -5.97 -2.93 1.89
CA TYR D 29 -6.09 -1.52 1.57
C TYR D 29 -5.63 -1.26 0.14
N PHE D 30 -4.46 -1.80 -0.22
CA PHE D 30 -3.94 -1.67 -1.58
C PHE D 30 -4.90 -2.28 -2.61
N ALA D 31 -5.53 -3.41 -2.26
CA ALA D 31 -6.49 -4.02 -3.16
C ALA D 31 -7.67 -3.08 -3.40
N SER D 32 -8.15 -2.40 -2.36
N SER D 32 -8.14 -2.39 -2.36
CA SER D 32 -9.26 -1.47 -2.55
CA SER D 32 -9.26 -1.47 -2.52
C SER D 32 -8.88 -0.32 -3.48
C SER D 32 -8.91 -0.27 -3.39
N LYS D 33 -7.65 0.21 -3.33
CA LYS D 33 -7.22 1.26 -4.24
C LYS D 33 -7.19 0.76 -5.68
N ALA D 34 -6.65 -0.44 -5.89
CA ALA D 34 -6.64 -1.03 -7.22
C ALA D 34 -8.05 -1.25 -7.76
N ASP D 35 -8.97 -1.70 -6.90
CA ASP D 35 -10.37 -1.86 -7.29
C ASP D 35 -10.88 -0.62 -8.01
N VAL D 36 -10.76 0.52 -7.33
CA VAL D 36 -11.32 1.77 -7.83
C VAL D 36 -10.63 2.19 -9.11
N GLU D 37 -9.31 2.02 -9.20
CA GLU D 37 -8.56 2.34 -10.41
C GLU D 37 -8.95 1.48 -11.61
N GLY D 38 -9.53 0.30 -11.41
CA GLY D 38 -9.78 -0.62 -12.49
C GLY D 38 -8.69 -1.64 -12.70
N GLN D 39 -7.72 -1.73 -11.79
CA GLN D 39 -6.63 -2.68 -11.89
C GLN D 39 -7.06 -3.98 -11.21
N ASN D 40 -7.95 -4.72 -11.89
CA ASN D 40 -8.57 -5.85 -11.20
C ASN D 40 -7.60 -7.02 -11.01
N ASP D 41 -6.63 -7.22 -11.91
CA ASP D 41 -5.68 -8.31 -11.69
C ASP D 41 -4.75 -7.99 -10.51
N ILE D 42 -4.35 -6.72 -10.38
CA ILE D 42 -3.53 -6.30 -9.24
C ILE D 42 -4.32 -6.46 -7.94
N ALA D 43 -5.59 -6.05 -7.94
CA ALA D 43 -6.43 -6.21 -6.76
C ALA D 43 -6.53 -7.67 -6.33
N ALA D 44 -6.72 -8.60 -7.29
CA ALA D 44 -6.80 -10.01 -6.95
C ALA D 44 -5.49 -10.53 -6.39
N LEU D 45 -4.36 -10.05 -6.90
CA LEU D 45 -3.07 -10.46 -6.36
C LEU D 45 -2.87 -9.96 -4.91
N PHE D 46 -3.19 -8.70 -4.62
CA PHE D 46 -3.11 -8.24 -3.25
C PHE D 46 -4.00 -9.07 -2.33
N ARG D 47 -5.23 -9.40 -2.78
CA ARG D 47 -6.11 -10.22 -1.93
C ARG D 47 -5.56 -11.64 -1.71
N SER D 48 -4.96 -12.24 -2.75
N SER D 48 -4.93 -12.23 -2.74
CA SER D 48 -4.42 -13.59 -2.57
CA SER D 48 -4.42 -13.60 -2.58
C SER D 48 -3.22 -13.59 -1.63
C SER D 48 -3.19 -13.61 -1.69
N THR D 49 -2.32 -12.61 -1.80
CA THR D 49 -1.18 -12.49 -0.91
C THR D 49 -1.64 -12.25 0.51
N ALA D 50 -2.69 -11.44 0.70
CA ALA D 50 -3.21 -11.20 2.03
C ALA D 50 -3.65 -12.50 2.73
N GLU D 51 -4.20 -13.46 1.96
CA GLU D 51 -4.56 -14.74 2.56
C GLU D 51 -3.31 -15.49 3.03
N GLY D 52 -2.20 -15.38 2.30
CA GLY D 52 -0.95 -15.92 2.80
C GLY D 52 -0.56 -15.34 4.14
N GLU D 53 -0.65 -14.02 4.29
CA GLU D 53 -0.30 -13.38 5.54
C GLU D 53 -1.24 -13.82 6.68
N THR D 54 -2.51 -14.12 6.38
CA THR D 54 -3.40 -14.70 7.39
C THR D 54 -2.87 -16.05 7.88
N GLY D 55 -2.41 -16.90 6.96
CA GLY D 55 -1.84 -18.17 7.37
C GLY D 55 -0.60 -18.00 8.23
N HIS D 56 0.24 -17.02 7.89
CA HIS D 56 1.44 -16.78 8.69
C HIS D 56 1.09 -16.29 10.08
N ALA D 57 0.19 -15.30 10.17
CA ALA D 57 -0.20 -14.78 11.47
C ALA D 57 -0.83 -15.86 12.33
N HIS D 58 -1.68 -16.70 11.72
N HIS D 58 -1.63 -16.74 11.76
CA HIS D 58 -2.29 -17.84 12.42
CA HIS D 58 -2.25 -17.70 12.66
C HIS D 58 -1.22 -18.71 13.06
C HIS D 58 -1.28 -18.82 13.06
N GLY D 59 -0.22 -19.09 12.28
CA GLY D 59 0.84 -19.95 12.78
C GLY D 59 1.65 -19.32 13.91
N HIS D 60 1.97 -18.02 13.78
CA HIS D 60 2.64 -17.33 14.88
C HIS D 60 1.79 -17.39 16.14
N LEU D 61 0.47 -17.19 16.01
CA LEU D 61 -0.40 -17.24 17.18
C LEU D 61 -0.42 -18.63 17.80
N GLU D 62 -0.40 -19.68 16.97
CA GLU D 62 -0.45 -21.02 17.50
C GLU D 62 0.76 -21.29 18.40
N TYR D 63 1.95 -20.81 17.99
CA TYR D 63 3.13 -20.95 18.85
C TYR D 63 3.02 -20.11 20.12
N LEU D 64 2.41 -18.91 20.02
CA LEU D 64 2.25 -18.03 21.18
C LEU D 64 1.24 -18.55 22.18
N GLU D 65 0.41 -19.53 21.84
CA GLU D 65 -0.51 -20.08 22.82
C GLU D 65 0.24 -20.57 24.06
N ALA D 66 1.49 -21.03 23.89
CA ALA D 66 2.28 -21.52 25.02
C ALA D 66 2.63 -20.42 26.02
N VAL D 67 2.67 -19.15 25.62
CA VAL D 67 3.13 -18.08 26.50
C VAL D 67 2.08 -17.00 26.74
N GLY D 68 1.03 -16.92 25.94
CA GLY D 68 0.04 -15.88 26.18
C GLY D 68 -0.26 -14.95 25.02
N ASP D 69 -1.41 -14.30 25.11
CA ASP D 69 -1.89 -13.43 24.01
C ASP D 69 -0.95 -12.25 23.81
N PRO D 70 -0.45 -12.01 22.59
CA PRO D 70 0.50 -10.91 22.41
C PRO D 70 -0.04 -9.55 22.79
N ALA D 71 -1.35 -9.35 22.82
CA ALA D 71 -1.92 -8.04 23.15
C ALA D 71 -2.14 -7.82 24.65
N THR D 72 -2.23 -8.87 25.44
CA THR D 72 -2.64 -8.75 26.83
C THR D 72 -1.80 -9.54 27.80
N GLY D 73 -1.04 -10.53 27.35
CA GLY D 73 -0.33 -11.43 28.21
C GLY D 73 -1.18 -12.51 28.81
N LEU D 74 -2.46 -12.50 28.56
CA LEU D 74 -3.34 -13.45 29.21
C LEU D 74 -3.35 -14.76 28.42
N PRO D 75 -3.71 -15.86 29.07
CA PRO D 75 -3.82 -17.13 28.34
C PRO D 75 -4.94 -17.09 27.32
N PHE D 76 -4.77 -17.85 26.24
CA PHE D 76 -5.83 -17.96 25.24
C PHE D 76 -5.88 -19.37 24.69
N GLY D 77 -7.02 -19.70 24.09
CA GLY D 77 -7.29 -21.02 23.56
C GLY D 77 -8.76 -21.39 23.61
N THR D 78 -9.33 -21.48 24.81
CA THR D 78 -10.76 -21.75 24.96
C THR D 78 -11.57 -20.47 24.79
N SER D 79 -12.87 -20.64 24.52
CA SER D 79 -13.70 -19.45 24.33
C SER D 79 -13.74 -18.60 25.59
N ARG D 80 -13.77 -19.23 26.77
CA ARG D 80 -13.77 -18.45 28.00
C ARG D 80 -12.48 -17.62 28.13
N GLN D 81 -11.32 -18.24 27.87
CA GLN D 81 -10.06 -17.52 27.92
C GLN D 81 -10.01 -16.42 26.86
N ASN D 82 -10.48 -16.73 25.65
CA ASN D 82 -10.39 -15.77 24.56
C ASN D 82 -11.23 -14.53 24.85
N LEU D 83 -12.43 -14.74 25.37
CA LEU D 83 -13.28 -13.62 25.71
C LEU D 83 -12.66 -12.77 26.82
N GLN D 84 -12.07 -13.39 27.83
N GLN D 84 -12.08 -13.40 27.84
CA GLN D 84 -11.44 -12.61 28.89
CA GLN D 84 -11.44 -12.61 28.89
C GLN D 84 -10.31 -11.76 28.33
C GLN D 84 -10.32 -11.75 28.31
N SER D 85 -9.51 -12.32 27.42
CA SER D 85 -8.42 -11.57 26.84
C SER D 85 -8.94 -10.45 25.94
N ALA D 86 -9.97 -10.74 25.15
CA ALA D 86 -10.58 -9.69 24.35
C ALA D 86 -11.07 -8.54 25.20
N ILE D 87 -11.77 -8.84 26.31
CA ILE D 87 -12.30 -7.80 27.19
C ILE D 87 -11.17 -6.95 27.75
N ALA D 88 -10.09 -7.59 28.22
CA ALA D 88 -8.96 -6.85 28.79
C ALA D 88 -8.34 -5.91 27.77
N GLY D 89 -8.09 -6.41 26.56
CA GLY D 89 -7.51 -5.55 25.53
C GLY D 89 -8.41 -4.38 25.19
N GLU D 90 -9.70 -4.63 25.01
CA GLU D 90 -10.63 -3.57 24.64
C GLU D 90 -10.74 -2.52 25.75
N THR D 91 -10.70 -2.98 26.99
CA THR D 91 -10.84 -2.05 28.10
C THR D 91 -9.67 -1.07 28.14
N HIS D 92 -8.46 -1.57 27.89
CA HIS D 92 -7.32 -0.67 27.83
C HIS D 92 -7.48 0.32 26.68
N GLU D 93 -7.97 -0.13 25.53
CA GLU D 93 -8.08 0.79 24.39
C GLU D 93 -9.05 1.93 24.69
N TYR D 94 -10.17 1.65 25.33
CA TYR D 94 -11.16 2.70 25.47
C TYR D 94 -10.95 3.56 26.71
N THR D 95 -10.30 3.03 27.74
CA THR D 95 -10.04 3.85 28.92
C THR D 95 -8.74 4.65 28.82
N ASP D 96 -7.69 4.02 28.27
CA ASP D 96 -6.35 4.59 28.26
CA ASP D 96 -6.35 4.58 28.27
C ASP D 96 -5.89 5.01 26.88
N MET D 97 -5.78 4.07 25.94
CA MET D 97 -5.06 4.35 24.70
C MET D 97 -5.76 5.43 23.89
N TYR D 98 -7.02 5.19 23.48
CA TYR D 98 -7.54 6.13 22.48
C TYR D 98 -7.82 7.50 23.10
N PRO D 99 -8.33 7.59 24.33
CA PRO D 99 -8.46 8.92 24.96
C PRO D 99 -7.14 9.66 25.06
N GLY D 100 -6.04 8.96 25.40
CA GLY D 100 -4.74 9.63 25.42
C GLY D 100 -4.28 10.09 24.06
N MET D 101 -4.54 9.29 23.03
CA MET D 101 -4.15 9.70 21.70
C MET D 101 -4.95 10.90 21.22
N ALA D 102 -6.23 10.98 21.60
CA ALA D 102 -7.04 12.11 21.18
C ALA D 102 -6.56 13.40 21.82
N LYS D 103 -6.18 13.35 23.09
CA LYS D 103 -5.62 14.52 23.75
C LYS D 103 -4.36 15.02 23.05
N THR D 104 -3.41 14.12 22.81
CA THR D 104 -2.19 14.49 22.10
C THR D 104 -2.48 15.06 20.72
N ALA D 105 -3.47 14.51 20.02
CA ALA D 105 -3.82 15.04 18.72
C ALA D 105 -4.37 16.45 18.84
N ARG D 106 -5.23 16.68 19.81
N ARG D 106 -5.28 16.67 19.79
CA ARG D 106 -5.80 18.02 19.97
CA ARG D 106 -5.81 18.01 20.03
C ARG D 106 -4.71 19.03 20.33
C ARG D 106 -4.67 18.99 20.28
N ASP D 107 -3.77 18.64 21.20
CA ASP D 107 -2.67 19.54 21.56
C ASP D 107 -1.84 19.91 20.34
N GLU D 108 -1.54 18.94 19.48
CA GLU D 108 -0.71 19.22 18.31
C GLU D 108 -1.48 19.87 17.18
N GLY D 109 -2.79 20.11 17.35
CA GLY D 109 -3.56 20.82 16.34
C GLY D 109 -4.18 19.96 15.26
N PHE D 110 -4.40 18.67 15.54
CA PHE D 110 -5.00 17.73 14.58
C PHE D 110 -6.41 17.45 15.08
N GLU D 111 -7.33 18.39 14.80
CA GLU D 111 -8.65 18.30 15.40
C GLU D 111 -9.46 17.15 14.81
N GLU D 112 -9.36 16.94 13.49
CA GLU D 112 -10.12 15.85 12.90
C GLU D 112 -9.62 14.50 13.40
N ILE D 113 -8.29 14.33 13.46
CA ILE D 113 -7.73 13.07 13.97
C ILE D 113 -8.12 12.86 15.42
N ALA D 114 -8.18 13.95 16.20
CA ALA D 114 -8.59 13.81 17.59
C ALA D 114 -10.01 13.30 17.70
N ASN D 115 -10.90 13.83 16.84
CA ASN D 115 -12.29 13.35 16.85
C ASN D 115 -12.35 11.89 16.42
N TRP D 116 -11.49 11.50 15.48
CA TRP D 116 -11.42 10.10 15.03
C TRP D 116 -11.06 9.21 16.20
N PHE D 117 -10.05 9.60 16.97
CA PHE D 117 -9.65 8.79 18.11
C PHE D 117 -10.75 8.70 19.16
N GLU D 118 -11.55 9.77 19.34
CA GLU D 118 -12.65 9.70 20.30
C GLU D 118 -13.78 8.81 19.79
N THR D 119 -14.04 8.83 18.49
CA THR D 119 -14.98 7.87 17.90
C THR D 119 -14.53 6.44 18.19
N LEU D 120 -13.22 6.17 18.04
N LEU D 120 -13.23 6.17 18.06
CA LEU D 120 -12.72 4.83 18.28
CA LEU D 120 -12.76 4.80 18.27
C LEU D 120 -12.82 4.46 19.75
C LEU D 120 -12.76 4.44 19.75
N ALA D 121 -12.52 5.41 20.66
CA ALA D 121 -12.66 5.10 22.07
C ALA D 121 -14.09 4.65 22.39
N LYS D 122 -15.08 5.33 21.81
CA LYS D 122 -16.46 4.95 22.05
C LYS D 122 -16.76 3.58 21.43
N ALA D 123 -16.22 3.33 20.24
CA ALA D 123 -16.43 2.04 19.57
C ALA D 123 -15.84 0.90 20.37
N GLU D 124 -14.61 1.08 20.90
CA GLU D 124 -13.98 -0.02 21.64
C GLU D 124 -14.69 -0.26 22.97
N ARG D 125 -15.30 0.77 23.54
CA ARG D 125 -16.12 0.56 24.73
C ARG D 125 -17.33 -0.31 24.38
N SER D 126 -17.96 -0.04 23.24
N SER D 126 -17.94 -0.06 23.22
CA SER D 126 -19.04 -0.90 22.78
CA SER D 126 -19.05 -0.90 22.77
C SER D 126 -18.59 -2.35 22.65
C SER D 126 -18.61 -2.35 22.60
N HIS D 127 -17.44 -2.57 22.01
CA HIS D 127 -16.93 -3.93 21.87
C HIS D 127 -16.72 -4.58 23.22
N ALA D 128 -16.10 -3.84 24.15
CA ALA D 128 -15.80 -4.39 25.46
C ALA D 128 -17.08 -4.82 26.17
N ASN D 129 -18.10 -3.95 26.15
CA ASN D 129 -19.35 -4.28 26.83
C ASN D 129 -20.04 -5.47 26.16
N ARG D 130 -19.97 -5.56 24.84
CA ARG D 130 -20.62 -6.69 24.17
C ARG D 130 -19.91 -8.01 24.48
N TYR D 131 -18.58 -7.99 24.55
CA TYR D 131 -17.88 -9.20 24.96
C TYR D 131 -18.18 -9.59 26.41
N THR D 132 -18.31 -8.59 27.29
CA THR D 132 -18.67 -8.89 28.68
C THR D 132 -20.01 -9.58 28.75
N LYS D 133 -21.00 -9.09 27.99
N LYS D 133 -20.99 -9.12 27.98
CA LYS D 133 -22.30 -9.75 27.92
CA LYS D 133 -22.30 -9.77 27.95
C LYS D 133 -22.16 -11.19 27.44
C LYS D 133 -22.24 -11.17 27.36
N ALA D 134 -21.37 -11.40 26.37
CA ALA D 134 -21.20 -12.75 25.83
C ALA D 134 -20.58 -13.69 26.86
N LEU D 135 -19.58 -13.21 27.59
CA LEU D 135 -18.94 -14.04 28.59
C LEU D 135 -19.90 -14.39 29.73
N ASP D 136 -20.72 -13.43 30.15
CA ASP D 136 -21.71 -13.71 31.20
C ASP D 136 -22.70 -14.81 30.79
N GLY D 137 -23.05 -14.88 29.52
CA GLY D 137 -23.94 -15.90 29.02
C GLY D 137 -23.27 -17.16 28.54
N LEU D 138 -21.94 -17.24 28.58
CA LEU D 138 -21.24 -18.38 28.02
C LEU D 138 -21.57 -19.65 28.79
N VAL D 139 -21.95 -20.69 28.06
CA VAL D 139 -22.20 -22.01 28.63
C VAL D 139 -21.12 -22.94 28.11
N ASP D 140 -20.19 -23.32 28.95
CA ASP D 140 -19.12 -24.20 28.52
C ASP D 140 -18.97 -25.35 29.51
N ALA E 2 -22.82 26.17 -5.87
CA ALA E 2 -22.56 24.75 -6.04
C ALA E 2 -23.28 23.94 -4.97
N GLN E 3 -24.61 23.89 -5.07
CA GLN E 3 -25.45 23.07 -4.20
C GLN E 3 -25.77 21.75 -4.92
N LEU E 4 -25.34 20.63 -4.33
CA LEU E 4 -25.56 19.34 -4.98
C LEU E 4 -27.04 19.01 -5.04
N LYS E 5 -27.79 19.31 -3.99
CA LYS E 5 -29.21 19.02 -3.98
C LYS E 5 -29.90 19.74 -5.13
N GLY E 6 -30.66 18.98 -5.92
CA GLY E 6 -31.40 19.54 -7.03
C GLY E 6 -30.61 19.71 -8.31
N SER E 7 -29.35 19.29 -8.35
CA SER E 7 -28.53 19.41 -9.54
C SER E 7 -28.69 18.20 -10.45
N LYS E 8 -28.27 18.38 -11.71
N LYS E 8 -28.24 18.33 -11.70
CA LYS E 8 -28.13 17.25 -12.60
CA LYS E 8 -28.17 17.17 -12.58
C LYS E 8 -27.15 16.23 -12.01
C LYS E 8 -27.00 16.26 -12.25
N THR E 9 -26.05 16.73 -11.44
CA THR E 9 -25.01 15.83 -10.92
C THR E 9 -25.56 14.90 -9.85
N GLU E 10 -26.50 15.38 -9.02
CA GLU E 10 -27.17 14.49 -8.08
C GLU E 10 -27.86 13.34 -8.81
N GLU E 11 -28.63 13.67 -9.85
CA GLU E 11 -29.31 12.63 -10.62
C GLU E 11 -28.32 11.68 -11.28
N ASN E 12 -27.19 12.19 -11.76
CA ASN E 12 -26.18 11.33 -12.36
C ASN E 12 -25.55 10.41 -11.32
N LEU E 13 -25.34 10.92 -10.11
CA LEU E 13 -24.79 10.07 -9.04
C LEU E 13 -25.76 8.94 -8.71
N LYS E 14 -27.06 9.24 -8.69
CA LYS E 14 -28.05 8.21 -8.38
C LYS E 14 -28.09 7.16 -9.48
N TYR E 15 -28.08 7.60 -10.74
CA TYR E 15 -28.09 6.67 -11.85
C TYR E 15 -26.82 5.83 -11.89
N ALA E 16 -25.67 6.45 -11.66
CA ALA E 16 -24.42 5.70 -11.67
C ALA E 16 -24.38 4.71 -10.50
N PHE E 17 -24.94 5.09 -9.35
CA PHE E 17 -24.99 4.18 -8.22
C PHE E 17 -25.86 2.97 -8.55
N ALA E 18 -27.01 3.22 -9.18
CA ALA E 18 -27.86 2.10 -9.61
C ALA E 18 -27.14 1.18 -10.58
N GLY E 19 -26.37 1.74 -11.51
CA GLY E 19 -25.69 0.92 -12.50
C GLY E 19 -24.56 0.11 -11.92
N GLU E 20 -23.74 0.72 -11.04
CA GLU E 20 -22.63 0.00 -10.40
C GLU E 20 -23.17 -1.12 -9.51
N SER E 21 -24.29 -0.87 -8.84
CA SER E 21 -24.89 -1.88 -7.98
C SER E 21 -25.33 -3.09 -8.81
N GLN E 22 -26.06 -2.81 -9.90
CA GLN E 22 -26.46 -3.87 -10.82
C GLN E 22 -25.26 -4.58 -11.43
N ALA E 23 -24.18 -3.85 -11.73
CA ALA E 23 -23.02 -4.52 -12.34
C ALA E 23 -22.42 -5.54 -11.40
N ASN E 24 -22.29 -5.20 -10.11
CA ASN E 24 -21.81 -6.19 -9.14
C ASN E 24 -22.71 -7.42 -9.11
N ARG E 25 -24.02 -7.24 -9.01
CA ARG E 25 -24.92 -8.41 -9.00
C ARG E 25 -24.81 -9.22 -10.29
N ARG E 26 -24.78 -8.56 -11.45
CA ARG E 26 -24.65 -9.25 -12.74
C ARG E 26 -23.37 -10.05 -12.82
N TYR E 27 -22.24 -9.43 -12.44
CA TYR E 27 -20.95 -10.10 -12.57
C TYR E 27 -20.87 -11.31 -11.63
N LEU E 28 -21.48 -11.25 -10.44
CA LEU E 28 -21.48 -12.42 -9.57
C LEU E 28 -22.37 -13.52 -10.13
N TYR E 29 -23.45 -13.15 -10.78
CA TYR E 29 -24.27 -14.14 -11.47
C TYR E 29 -23.48 -14.82 -12.58
N PHE E 30 -22.79 -14.03 -13.40
CA PHE E 30 -21.95 -14.59 -14.47
C PHE E 30 -20.85 -15.46 -13.89
N ALA E 31 -20.30 -15.09 -12.74
CA ALA E 31 -19.25 -15.92 -12.13
C ALA E 31 -19.81 -17.28 -11.77
N SER E 32 -21.04 -17.34 -11.24
N SER E 32 -21.04 -17.33 -11.22
CA SER E 32 -21.58 -18.65 -10.86
CA SER E 32 -21.65 -18.60 -10.87
C SER E 32 -21.90 -19.50 -12.08
C SER E 32 -21.81 -19.48 -12.10
N LYS E 33 -22.24 -18.88 -13.22
CA LYS E 33 -22.39 -19.63 -14.47
C LYS E 33 -21.07 -20.24 -14.91
N ALA E 34 -20.00 -19.43 -14.88
CA ALA E 34 -18.67 -19.93 -15.23
C ALA E 34 -18.20 -21.01 -14.27
N ASP E 35 -18.50 -20.87 -12.97
CA ASP E 35 -18.17 -21.90 -11.98
C ASP E 35 -18.65 -23.27 -12.44
N VAL E 36 -19.93 -23.36 -12.78
CA VAL E 36 -20.52 -24.66 -13.11
C VAL E 36 -19.93 -25.20 -14.41
N GLU E 37 -19.62 -24.33 -15.36
CA GLU E 37 -19.02 -24.78 -16.62
C GLU E 37 -17.60 -25.31 -16.44
N GLY E 38 -16.93 -24.90 -15.37
CA GLY E 38 -15.53 -25.21 -15.18
C GLY E 38 -14.60 -24.13 -15.68
N GLN E 39 -15.13 -22.96 -16.03
CA GLN E 39 -14.31 -21.83 -16.50
C GLN E 39 -13.83 -21.04 -15.28
N ASN E 40 -12.91 -21.67 -14.54
CA ASN E 40 -12.54 -21.08 -13.24
C ASN E 40 -11.74 -19.79 -13.40
N ASP E 41 -10.96 -19.61 -14.48
CA ASP E 41 -10.28 -18.31 -14.66
C ASP E 41 -11.28 -17.20 -14.98
N ILE E 42 -12.27 -17.48 -15.81
CA ILE E 42 -13.33 -16.51 -16.11
C ILE E 42 -14.12 -16.15 -14.84
N ALA E 43 -14.47 -17.16 -14.05
CA ALA E 43 -15.20 -16.88 -12.81
C ALA E 43 -14.42 -15.96 -11.90
N ALA E 44 -13.11 -16.20 -11.73
CA ALA E 44 -12.25 -15.33 -10.91
C ALA E 44 -12.20 -13.91 -11.45
N LEU E 45 -12.19 -13.76 -12.77
CA LEU E 45 -12.19 -12.43 -13.37
C LEU E 45 -13.51 -11.68 -13.08
N PHE E 46 -14.65 -12.34 -13.25
CA PHE E 46 -15.92 -11.68 -12.92
C PHE E 46 -15.93 -11.27 -11.44
N ARG E 47 -15.43 -12.12 -10.56
CA ARG E 47 -15.45 -11.81 -9.15
C ARG E 47 -14.55 -10.63 -8.82
N SER E 48 -13.38 -10.54 -9.45
N SER E 48 -13.39 -10.54 -9.47
CA SER E 48 -12.49 -9.41 -9.17
CA SER E 48 -12.48 -9.42 -9.20
C SER E 48 -13.06 -8.11 -9.73
C SER E 48 -13.04 -8.12 -9.74
N THR E 49 -13.61 -8.15 -10.94
CA THR E 49 -14.23 -6.95 -11.50
C THR E 49 -15.40 -6.51 -10.62
N ALA E 50 -16.16 -7.47 -10.08
CA ALA E 50 -17.26 -7.13 -9.18
C ALA E 50 -16.79 -6.34 -7.97
N GLU E 51 -15.60 -6.66 -7.42
CA GLU E 51 -15.05 -5.88 -6.30
C GLU E 51 -14.76 -4.45 -6.71
N GLY E 52 -14.26 -4.26 -7.93
CA GLY E 52 -14.15 -2.91 -8.48
C GLY E 52 -15.45 -2.15 -8.45
N GLU E 53 -16.54 -2.80 -8.88
CA GLU E 53 -17.83 -2.11 -8.88
C GLU E 53 -18.31 -1.82 -7.47
N THR E 54 -17.95 -2.65 -6.48
CA THR E 54 -18.26 -2.32 -5.09
C THR E 54 -17.58 -1.02 -4.67
N GLY E 55 -16.30 -0.87 -5.02
CA GLY E 55 -15.60 0.36 -4.70
C GLY E 55 -16.22 1.57 -5.39
N HIS E 56 -16.66 1.41 -6.63
CA HIS E 56 -17.28 2.53 -7.33
C HIS E 56 -18.61 2.92 -6.69
N ALA E 57 -19.45 1.92 -6.37
CA ALA E 57 -20.74 2.23 -5.74
C ALA E 57 -20.56 2.89 -4.38
N HIS E 58 -19.59 2.40 -3.60
CA HIS E 58 -19.28 3.01 -2.31
C HIS E 58 -18.91 4.49 -2.48
N GLY E 59 -18.11 4.81 -3.48
CA GLY E 59 -17.77 6.20 -3.73
C GLY E 59 -18.96 7.06 -4.10
N HIS E 60 -19.84 6.55 -4.97
CA HIS E 60 -21.05 7.28 -5.32
C HIS E 60 -21.91 7.53 -4.07
N LEU E 61 -22.05 6.53 -3.20
CA LEU E 61 -22.87 6.71 -2.00
C LEU E 61 -22.28 7.77 -1.08
N GLU E 62 -20.95 7.78 -0.95
CA GLU E 62 -20.32 8.77 -0.07
C GLU E 62 -20.70 10.17 -0.49
N TYR E 63 -20.65 10.45 -1.80
CA TYR E 63 -21.09 11.75 -2.31
C TYR E 63 -22.57 11.97 -2.05
N LEU E 64 -23.40 10.93 -2.16
CA LEU E 64 -24.83 11.12 -1.94
C LEU E 64 -25.19 11.34 -0.47
N GLU E 65 -24.26 11.16 0.46
CA GLU E 65 -24.57 11.41 1.86
C GLU E 65 -25.03 12.83 2.07
N ALA E 66 -24.58 13.76 1.22
CA ALA E 66 -24.96 15.16 1.34
C ALA E 66 -26.42 15.42 1.02
N VAL E 67 -27.07 14.53 0.27
CA VAL E 67 -28.41 14.80 -0.25
C VAL E 67 -29.44 13.80 0.20
N GLY E 68 -29.06 12.60 0.61
CA GLY E 68 -30.06 11.62 1.01
C GLY E 68 -29.92 10.25 0.36
N ASP E 69 -30.48 9.24 1.01
CA ASP E 69 -30.40 7.85 0.56
C ASP E 69 -31.07 7.74 -0.79
N PRO E 70 -30.37 7.25 -1.82
CA PRO E 70 -31.00 7.19 -3.16
C PRO E 70 -32.28 6.37 -3.21
N ALA E 71 -32.54 5.53 -2.22
CA ALA E 71 -33.73 4.68 -2.24
C ALA E 71 -34.93 5.28 -1.53
N THR E 72 -34.71 6.22 -0.62
CA THR E 72 -35.76 6.73 0.24
C THR E 72 -35.81 8.26 0.33
N GLY E 73 -34.74 8.96 -0.02
CA GLY E 73 -34.63 10.38 0.25
C GLY E 73 -34.21 10.75 1.65
N LEU E 74 -34.20 9.80 2.60
CA LEU E 74 -33.93 10.11 4.00
C LEU E 74 -32.44 10.33 4.26
N PRO E 75 -32.08 11.04 5.32
CA PRO E 75 -30.66 11.21 5.62
C PRO E 75 -30.04 9.89 6.04
N PHE E 76 -28.78 9.69 5.70
CA PHE E 76 -28.08 8.49 6.16
C PHE E 76 -26.68 8.88 6.59
N GLY E 77 -26.04 7.95 7.32
CA GLY E 77 -24.75 8.22 7.94
C GLY E 77 -24.58 7.43 9.20
N THR E 78 -25.28 7.81 10.26
CA THR E 78 -25.26 7.10 11.53
C THR E 78 -26.12 5.85 11.49
N SER E 79 -25.83 4.91 12.38
CA SER E 79 -26.64 3.69 12.43
C SER E 79 -28.10 3.99 12.70
N ARG E 80 -28.38 4.99 13.55
CA ARG E 80 -29.79 5.31 13.82
C ARG E 80 -30.49 5.81 12.55
N GLN E 81 -29.82 6.68 11.80
CA GLN E 81 -30.39 7.15 10.55
C GLN E 81 -30.50 6.01 9.55
N ASN E 82 -29.46 5.18 9.47
CA ASN E 82 -29.44 4.10 8.49
C ASN E 82 -30.57 3.12 8.73
N LEU E 83 -30.79 2.76 9.99
CA LEU E 83 -31.89 1.83 10.29
C LEU E 83 -33.24 2.46 9.95
N GLN E 84 -33.43 3.73 10.27
CA GLN E 84 -34.70 4.38 9.92
C GLN E 84 -34.94 4.37 8.41
N SER E 85 -33.89 4.62 7.62
CA SER E 85 -34.04 4.61 6.18
C SER E 85 -34.34 3.19 5.66
N ALA E 86 -33.62 2.20 6.17
CA ALA E 86 -33.87 0.82 5.77
C ALA E 86 -35.30 0.42 6.07
N ILE E 87 -35.79 0.77 7.28
CA ILE E 87 -37.15 0.41 7.68
C ILE E 87 -38.17 1.04 6.73
N ALA E 88 -38.01 2.33 6.45
CA ALA E 88 -38.97 3.02 5.57
C ALA E 88 -39.01 2.38 4.19
N GLY E 89 -37.85 2.09 3.61
CA GLY E 89 -37.82 1.49 2.28
C GLY E 89 -38.39 0.09 2.28
N GLU E 90 -38.00 -0.74 3.26
CA GLU E 90 -38.56 -2.08 3.35
C GLU E 90 -40.08 -2.03 3.54
N THR E 91 -40.56 -1.05 4.32
CA THR E 91 -42.01 -0.98 4.56
C THR E 91 -42.74 -0.72 3.24
N HIS E 92 -42.22 0.20 2.43
CA HIS E 92 -42.79 0.43 1.12
C HIS E 92 -42.77 -0.83 0.26
N GLU E 93 -41.66 -1.56 0.28
CA GLU E 93 -41.58 -2.73 -0.59
C GLU E 93 -42.59 -3.80 -0.21
N TYR E 94 -42.84 -4.01 1.08
CA TYR E 94 -43.70 -5.13 1.42
C TYR E 94 -45.17 -4.77 1.43
N THR E 95 -45.52 -3.52 1.69
CA THR E 95 -46.92 -3.12 1.69
C THR E 95 -47.43 -2.68 0.33
N ASP E 96 -46.57 -2.10 -0.50
CA ASP E 96 -47.00 -1.54 -1.77
CA ASP E 96 -46.95 -1.48 -1.77
C ASP E 96 -46.29 -2.14 -2.99
N MET E 97 -44.96 -2.15 -3.04
CA MET E 97 -44.30 -2.49 -4.29
C MET E 97 -44.51 -3.95 -4.68
N TYR E 98 -44.05 -4.91 -3.86
CA TYR E 98 -44.11 -6.30 -4.30
C TYR E 98 -45.55 -6.82 -4.40
N PRO E 99 -46.47 -6.43 -3.52
CA PRO E 99 -47.87 -6.86 -3.75
C PRO E 99 -48.44 -6.29 -5.05
N GLY E 100 -48.06 -5.06 -5.42
CA GLY E 100 -48.52 -4.52 -6.68
C GLY E 100 -47.95 -5.24 -7.88
N MET E 101 -46.68 -5.63 -7.81
CA MET E 101 -46.07 -6.40 -8.89
C MET E 101 -46.68 -7.79 -8.98
N ALA E 102 -47.04 -8.38 -7.83
CA ALA E 102 -47.65 -9.69 -7.87
C ALA E 102 -49.01 -9.64 -8.55
N LYS E 103 -49.80 -8.60 -8.23
CA LYS E 103 -51.10 -8.46 -8.86
C LYS E 103 -50.97 -8.31 -10.38
N THR E 104 -50.07 -7.43 -10.82
CA THR E 104 -49.84 -7.28 -12.26
C THR E 104 -49.38 -8.59 -12.90
N ALA E 105 -48.50 -9.32 -12.23
CA ALA E 105 -48.05 -10.58 -12.81
C ALA E 105 -49.21 -11.56 -12.96
N ARG E 106 -50.06 -11.66 -11.94
CA ARG E 106 -51.18 -12.59 -12.00
C ARG E 106 -52.16 -12.19 -13.10
N ASP E 107 -52.46 -10.90 -13.20
CA ASP E 107 -53.39 -10.43 -14.23
C ASP E 107 -52.83 -10.64 -15.63
N GLU E 108 -51.51 -10.67 -15.79
CA GLU E 108 -50.90 -10.90 -17.09
C GLU E 108 -50.68 -12.38 -17.37
N GLY E 109 -51.01 -13.28 -16.44
CA GLY E 109 -50.87 -14.70 -16.65
C GLY E 109 -49.54 -15.31 -16.26
N PHE E 110 -48.73 -14.62 -15.46
CA PHE E 110 -47.46 -15.17 -14.98
C PHE E 110 -47.63 -15.60 -13.54
N GLU E 111 -48.27 -16.75 -13.37
CA GLU E 111 -48.62 -17.18 -12.02
C GLU E 111 -47.39 -17.49 -11.18
N GLU E 112 -46.37 -18.09 -11.77
CA GLU E 112 -45.17 -18.40 -10.99
C GLU E 112 -44.43 -17.14 -10.56
N ILE E 113 -44.35 -16.14 -11.44
CA ILE E 113 -43.69 -14.90 -11.06
C ILE E 113 -44.51 -14.14 -10.03
N ALA E 114 -45.84 -14.24 -10.10
CA ALA E 114 -46.67 -13.62 -9.08
C ALA E 114 -46.37 -14.22 -7.72
N ASN E 115 -46.24 -15.55 -7.66
CA ASN E 115 -45.93 -16.21 -6.40
C ASN E 115 -44.55 -15.80 -5.90
N TRP E 116 -43.62 -15.59 -6.82
CA TRP E 116 -42.28 -15.09 -6.47
C TRP E 116 -42.37 -13.71 -5.81
N PHE E 117 -43.14 -12.80 -6.42
CA PHE E 117 -43.27 -11.46 -5.84
C PHE E 117 -43.98 -11.54 -4.49
N GLU E 118 -44.92 -12.46 -4.32
CA GLU E 118 -45.56 -12.63 -3.01
C GLU E 118 -44.59 -13.18 -1.96
N THR E 119 -43.72 -14.11 -2.37
CA THR E 119 -42.67 -14.59 -1.47
C THR E 119 -41.78 -13.44 -1.03
N LEU E 120 -41.45 -12.55 -1.98
N LEU E 120 -41.46 -12.54 -1.95
CA LEU E 120 -40.60 -11.40 -1.68
CA LEU E 120 -40.58 -11.43 -1.62
C LEU E 120 -41.30 -10.45 -0.73
C LEU E 120 -41.28 -10.36 -0.79
N ALA E 121 -42.59 -10.18 -0.96
CA ALA E 121 -43.31 -9.29 -0.05
C ALA E 121 -43.21 -9.81 1.38
N LYS E 122 -43.42 -11.11 1.57
N LYS E 122 -43.39 -11.12 1.57
CA LYS E 122 -43.29 -11.68 2.90
CA LYS E 122 -43.29 -11.70 2.90
C LYS E 122 -41.87 -11.49 3.43
C LYS E 122 -41.88 -11.64 3.45
N ALA E 123 -40.88 -11.73 2.58
CA ALA E 123 -39.49 -11.62 3.01
C ALA E 123 -39.14 -10.20 3.44
N GLU E 124 -39.56 -9.20 2.63
CA GLU E 124 -39.27 -7.81 2.97
C GLU E 124 -39.98 -7.38 4.25
N ARG E 125 -41.16 -7.95 4.52
CA ARG E 125 -41.81 -7.69 5.81
C ARG E 125 -40.97 -8.20 6.97
N SER E 126 -40.44 -9.42 6.84
CA SER E 126 -39.52 -9.96 7.81
C SER E 126 -38.32 -9.05 8.01
N HIS E 127 -37.72 -8.55 6.91
CA HIS E 127 -36.59 -7.63 7.03
C HIS E 127 -36.98 -6.36 7.78
N ALA E 128 -38.11 -5.77 7.44
CA ALA E 128 -38.55 -4.55 8.10
C ALA E 128 -38.72 -4.76 9.60
N ASN E 129 -39.34 -5.86 9.98
CA ASN E 129 -39.61 -6.09 11.40
C ASN E 129 -38.33 -6.34 12.17
N ARG E 130 -37.39 -7.03 11.53
CA ARG E 130 -36.11 -7.31 12.18
C ARG E 130 -35.29 -6.04 12.35
N TYR E 131 -35.32 -5.15 11.35
CA TYR E 131 -34.65 -3.87 11.51
C TYR E 131 -35.31 -3.01 12.59
N THR E 132 -36.63 -3.09 12.70
CA THR E 132 -37.35 -2.33 13.72
C THR E 132 -36.94 -2.80 15.12
N LYS E 133 -36.84 -4.11 15.29
CA LYS E 133 -36.34 -4.66 16.56
C LYS E 133 -34.93 -4.17 16.85
N ALA E 134 -34.08 -4.08 15.83
CA ALA E 134 -32.73 -3.60 16.03
C ALA E 134 -32.72 -2.12 16.44
N LEU E 135 -33.56 -1.30 15.82
CA LEU E 135 -33.62 0.12 16.17
C LEU E 135 -34.08 0.30 17.61
N ASP E 136 -35.04 -0.52 18.05
CA ASP E 136 -35.52 -0.43 19.43
C ASP E 136 -34.42 -0.79 20.42
N GLY E 137 -33.52 -1.69 20.06
CA GLY E 137 -32.40 -2.02 20.94
C GLY E 137 -31.17 -1.17 20.77
N LEU E 138 -31.16 -0.22 19.83
CA LEU E 138 -29.96 0.57 19.58
C LEU E 138 -29.62 1.45 20.78
N VAL E 139 -28.39 1.33 21.24
CA VAL E 139 -27.83 2.21 22.28
C VAL E 139 -26.72 3.03 21.63
N ASP E 140 -26.95 4.33 21.47
CA ASP E 140 -25.96 5.20 20.87
C ASP E 140 -25.91 6.52 21.65
N ALA F 2 -48.83 -16.73 -21.98
CA ALA F 2 -48.34 -15.40 -21.64
C ALA F 2 -46.82 -15.35 -21.87
N GLN F 3 -46.32 -14.30 -22.52
CA GLN F 3 -44.91 -14.19 -22.88
C GLN F 3 -44.28 -12.97 -22.23
N LEU F 4 -43.14 -13.18 -21.59
CA LEU F 4 -42.58 -12.15 -20.71
C LEU F 4 -42.13 -10.92 -21.48
N LYS F 5 -41.49 -11.10 -22.64
CA LYS F 5 -40.93 -9.97 -23.34
C LYS F 5 -42.00 -8.94 -23.67
N GLY F 6 -41.71 -7.68 -23.33
CA GLY F 6 -42.61 -6.59 -23.58
C GLY F 6 -43.71 -6.38 -22.56
N SER F 7 -43.82 -7.26 -21.57
CA SER F 7 -44.91 -7.17 -20.61
C SER F 7 -44.60 -6.16 -19.51
N LYS F 8 -45.62 -5.76 -18.77
N LYS F 8 -45.66 -5.75 -18.81
CA LYS F 8 -45.37 -4.92 -17.60
CA LYS F 8 -45.47 -4.97 -17.60
C LYS F 8 -44.64 -5.70 -16.52
C LYS F 8 -44.57 -5.71 -16.62
N THR F 9 -44.76 -7.02 -16.51
CA THR F 9 -44.03 -7.83 -15.54
C THR F 9 -42.54 -7.83 -15.84
N GLU F 10 -42.14 -7.81 -17.13
CA GLU F 10 -40.73 -7.65 -17.44
C GLU F 10 -40.18 -6.34 -16.89
N GLU F 11 -40.93 -5.24 -17.06
CA GLU F 11 -40.50 -3.96 -16.54
C GLU F 11 -40.42 -4.00 -15.01
N ASN F 12 -41.34 -4.71 -14.37
CA ASN F 12 -41.29 -4.82 -12.91
C ASN F 12 -40.08 -5.62 -12.43
N LEU F 13 -39.76 -6.71 -13.13
CA LEU F 13 -38.57 -7.48 -12.79
C LEU F 13 -37.31 -6.63 -12.94
N LYS F 14 -37.25 -5.80 -13.97
CA LYS F 14 -36.09 -4.94 -14.16
C LYS F 14 -35.96 -3.90 -13.04
N TYR F 15 -37.07 -3.26 -12.67
CA TYR F 15 -37.06 -2.30 -11.58
C TYR F 15 -36.73 -2.98 -10.26
N ALA F 16 -37.34 -4.15 -9.99
CA ALA F 16 -37.04 -4.87 -8.76
C ALA F 16 -35.59 -5.34 -8.71
N PHE F 17 -35.04 -5.78 -9.85
CA PHE F 17 -33.62 -6.15 -9.88
C PHE F 17 -32.73 -4.97 -9.54
N ALA F 18 -33.04 -3.79 -10.11
CA ALA F 18 -32.27 -2.60 -9.76
C ALA F 18 -32.40 -2.24 -8.28
N GLY F 19 -33.60 -2.40 -7.71
CA GLY F 19 -33.80 -2.05 -6.32
C GLY F 19 -33.11 -3.01 -5.35
N GLU F 20 -33.19 -4.34 -5.64
CA GLU F 20 -32.52 -5.33 -4.79
C GLU F 20 -31.01 -5.20 -4.89
N SER F 21 -30.50 -4.89 -6.09
CA SER F 21 -29.06 -4.69 -6.27
C SER F 21 -28.59 -3.53 -5.40
N GLN F 22 -29.32 -2.41 -5.47
CA GLN F 22 -28.98 -1.24 -4.68
C GLN F 22 -29.14 -1.50 -3.18
N ALA F 23 -30.13 -2.31 -2.78
CA ALA F 23 -30.31 -2.61 -1.38
C ALA F 23 -29.10 -3.34 -0.81
N ASN F 24 -28.53 -4.28 -1.58
CA ASN F 24 -27.33 -4.95 -1.09
C ASN F 24 -26.17 -3.98 -0.92
N ARG F 25 -25.91 -3.13 -1.92
CA ARG F 25 -24.84 -2.13 -1.80
C ARG F 25 -25.11 -1.17 -0.63
N ARG F 26 -26.36 -0.71 -0.47
CA ARG F 26 -26.70 0.19 0.64
C ARG F 26 -26.48 -0.46 2.00
N TYR F 27 -26.97 -1.68 2.17
CA TYR F 27 -26.85 -2.37 3.44
C TYR F 27 -25.38 -2.66 3.79
N LEU F 28 -24.55 -3.00 2.79
CA LEU F 28 -23.12 -3.16 3.09
C LEU F 28 -22.48 -1.84 3.47
N TYR F 29 -22.92 -0.73 2.87
CA TYR F 29 -22.45 0.59 3.27
C TYR F 29 -22.83 0.88 4.71
N PHE F 30 -24.11 0.64 5.05
CA PHE F 30 -24.58 0.84 6.40
C PHE F 30 -23.80 -0.05 7.37
N ALA F 31 -23.50 -1.30 6.97
CA ALA F 31 -22.70 -2.17 7.82
C ALA F 31 -21.31 -1.55 8.10
N SER F 32 -20.68 -0.99 7.09
N SER F 32 -20.70 -0.94 7.09
CA SER F 32 -19.37 -0.39 7.31
CA SER F 32 -19.38 -0.35 7.23
C SER F 32 -19.47 0.75 8.31
C SER F 32 -19.39 0.87 8.15
N LYS F 33 -20.51 1.58 8.20
CA LYS F 33 -20.68 2.68 9.15
C LYS F 33 -20.85 2.13 10.58
N ALA F 34 -21.68 1.11 10.73
CA ALA F 34 -21.86 0.47 12.03
C ALA F 34 -20.57 -0.12 12.56
N ASP F 35 -19.76 -0.73 11.67
CA ASP F 35 -18.43 -1.26 12.05
C ASP F 35 -17.62 -0.21 12.80
N VAL F 36 -17.45 0.93 12.16
CA VAL F 36 -16.58 1.96 12.70
C VAL F 36 -17.13 2.49 14.02
N GLU F 37 -18.46 2.61 14.13
CA GLU F 37 -19.09 3.07 15.36
C GLU F 37 -18.97 2.08 16.51
N GLY F 38 -18.62 0.83 16.25
CA GLY F 38 -18.65 -0.20 17.25
C GLY F 38 -19.97 -0.93 17.41
N GLN F 39 -20.91 -0.72 16.49
CA GLN F 39 -22.22 -1.36 16.57
C GLN F 39 -22.19 -2.71 15.84
N ASN F 40 -21.52 -3.68 16.49
CA ASN F 40 -21.18 -4.91 15.77
C ASN F 40 -22.40 -5.79 15.54
N ASP F 41 -23.40 -5.74 16.43
CA ASP F 41 -24.62 -6.52 16.18
C ASP F 41 -25.40 -5.95 14.99
N ILE F 42 -25.50 -4.62 14.89
CA ILE F 42 -26.18 -3.97 13.79
C ILE F 42 -25.47 -4.27 12.47
N ALA F 43 -24.13 -4.13 12.47
CA ALA F 43 -23.35 -4.45 11.28
C ALA F 43 -23.63 -5.88 10.81
N ALA F 44 -23.63 -6.85 11.74
CA ALA F 44 -23.90 -8.24 11.36
C ALA F 44 -25.31 -8.39 10.78
N LEU F 45 -26.28 -7.65 11.31
CA LEU F 45 -27.64 -7.70 10.78
C LEU F 45 -27.73 -7.13 9.37
N PHE F 46 -27.10 -5.96 9.13
CA PHE F 46 -27.09 -5.42 7.77
C PHE F 46 -26.45 -6.42 6.80
N ARG F 47 -25.37 -7.09 7.24
CA ARG F 47 -24.70 -8.06 6.35
C ARG F 47 -25.58 -9.28 6.07
N SER F 48 -26.28 -9.77 7.07
N SER F 48 -26.32 -9.76 7.07
CA SER F 48 -27.17 -10.92 6.85
CA SER F 48 -27.16 -10.93 6.85
C SER F 48 -28.31 -10.54 5.91
C SER F 48 -28.36 -10.57 5.96
N THR F 49 -28.93 -9.39 6.16
CA THR F 49 -30.02 -8.94 5.30
C THR F 49 -29.55 -8.75 3.87
N ALA F 50 -28.31 -8.27 3.70
CA ALA F 50 -27.77 -8.08 2.38
C ALA F 50 -27.67 -9.40 1.60
N GLU F 51 -27.39 -10.51 2.30
CA GLU F 51 -27.41 -11.82 1.64
C GLU F 51 -28.81 -12.15 1.13
N GLY F 52 -29.84 -11.79 1.91
CA GLY F 52 -31.19 -11.94 1.42
C GLY F 52 -31.41 -11.21 0.12
N GLU F 53 -30.97 -9.94 0.06
CA GLU F 53 -31.13 -9.16 -1.16
C GLU F 53 -30.33 -9.75 -2.33
N THR F 54 -29.23 -10.45 -2.06
CA THR F 54 -28.51 -11.16 -3.13
C THR F 54 -29.36 -12.28 -3.72
N GLY F 55 -29.99 -13.09 -2.85
CA GLY F 55 -30.92 -14.10 -3.32
C GLY F 55 -32.07 -13.54 -4.12
N HIS F 56 -32.59 -12.37 -3.70
CA HIS F 56 -33.71 -11.77 -4.42
C HIS F 56 -33.27 -11.29 -5.81
N ALA F 57 -32.12 -10.60 -5.88
CA ALA F 57 -31.64 -10.11 -7.16
C ALA F 57 -31.32 -11.27 -8.10
N HIS F 58 -30.70 -12.33 -7.56
CA HIS F 58 -30.38 -13.50 -8.37
C HIS F 58 -31.64 -14.12 -8.95
N GLY F 59 -32.71 -14.20 -8.16
CA GLY F 59 -33.95 -14.73 -8.68
C GLY F 59 -34.56 -13.87 -9.77
N HIS F 60 -34.58 -12.55 -9.57
CA HIS F 60 -35.07 -11.66 -10.62
C HIS F 60 -34.28 -11.88 -11.91
N LEU F 61 -32.95 -12.00 -11.78
N LEU F 61 -32.97 -12.06 -11.79
CA LEU F 61 -32.13 -12.18 -12.96
CA LEU F 61 -32.15 -12.16 -12.98
C LEU F 61 -32.51 -13.46 -13.68
C LEU F 61 -32.35 -13.50 -13.67
N GLU F 62 -32.66 -14.55 -12.92
CA GLU F 62 -32.98 -15.84 -13.52
C GLU F 62 -34.21 -15.73 -14.41
N TYR F 63 -35.25 -15.04 -13.95
CA TYR F 63 -36.42 -14.84 -14.79
C TYR F 63 -36.08 -14.01 -16.02
N LEU F 64 -35.23 -12.99 -15.85
CA LEU F 64 -34.86 -12.13 -16.96
C LEU F 64 -33.96 -12.84 -17.97
N GLU F 65 -33.40 -14.00 -17.64
CA GLU F 65 -32.61 -14.72 -18.62
C GLU F 65 -33.40 -14.96 -19.90
N ALA F 66 -34.74 -15.04 -19.77
CA ALA F 66 -35.60 -15.28 -20.92
C ALA F 66 -35.69 -14.10 -21.88
N VAL F 67 -35.34 -12.89 -21.43
CA VAL F 67 -35.58 -11.69 -22.23
C VAL F 67 -34.34 -10.88 -22.46
N GLY F 68 -33.26 -11.10 -21.72
CA GLY F 68 -32.03 -10.38 -21.95
C GLY F 68 -31.52 -9.65 -20.74
N ASP F 69 -30.24 -9.27 -20.79
CA ASP F 69 -29.55 -8.60 -19.70
C ASP F 69 -30.20 -7.26 -19.41
N PRO F 70 -30.64 -6.98 -18.19
CA PRO F 70 -31.31 -5.69 -17.95
C PRO F 70 -30.41 -4.49 -18.19
N ALA F 71 -29.10 -4.67 -18.21
CA ALA F 71 -28.21 -3.55 -18.45
C ALA F 71 -27.93 -3.28 -19.92
N THR F 72 -28.04 -4.30 -20.77
CA THR F 72 -27.64 -4.18 -22.17
C THR F 72 -28.65 -4.65 -23.18
N GLY F 73 -29.67 -5.41 -22.78
CA GLY F 73 -30.58 -6.01 -23.73
C GLY F 73 -30.07 -7.26 -24.39
N LEU F 74 -28.80 -7.63 -24.19
CA LEU F 74 -28.22 -8.76 -24.88
C LEU F 74 -28.49 -10.08 -24.16
N PRO F 75 -28.42 -11.19 -24.88
CA PRO F 75 -28.59 -12.50 -24.23
C PRO F 75 -27.51 -12.77 -23.19
N PHE F 76 -27.84 -13.55 -22.17
CA PHE F 76 -26.86 -14.00 -21.20
C PHE F 76 -27.20 -15.41 -20.76
N GLY F 77 -26.19 -16.09 -20.20
CA GLY F 77 -26.31 -17.47 -19.76
C GLY F 77 -24.96 -18.14 -19.80
N THR F 78 -24.40 -18.30 -21.00
CA THR F 78 -23.08 -18.91 -21.14
C THR F 78 -21.97 -17.88 -20.94
N SER F 79 -20.77 -18.36 -20.64
CA SER F 79 -19.66 -17.43 -20.43
C SER F 79 -19.43 -16.56 -21.66
N ARG F 80 -19.54 -17.14 -22.86
CA ARG F 80 -19.34 -16.34 -24.07
C ARG F 80 -20.36 -15.21 -24.15
N GLN F 81 -21.63 -15.53 -23.92
CA GLN F 81 -22.67 -14.51 -23.93
C GLN F 81 -22.44 -13.49 -22.82
N ASN F 82 -22.05 -13.97 -21.64
CA ASN F 82 -21.93 -13.08 -20.48
C ASN F 82 -20.81 -12.09 -20.71
N LEU F 83 -19.70 -12.56 -21.26
CA LEU F 83 -18.57 -11.68 -21.55
C LEU F 83 -18.95 -10.64 -22.60
N GLN F 84 -19.69 -11.03 -23.63
CA GLN F 84 -20.09 -10.06 -24.64
C GLN F 84 -20.99 -8.99 -24.06
N SER F 85 -21.91 -9.37 -23.17
CA SER F 85 -22.77 -8.37 -22.55
C SER F 85 -21.98 -7.45 -21.62
N ALA F 86 -21.06 -8.02 -20.85
CA ALA F 86 -20.21 -7.21 -19.97
C ALA F 86 -19.41 -6.20 -20.77
N ILE F 87 -18.83 -6.61 -21.91
CA ILE F 87 -18.04 -5.71 -22.73
C ILE F 87 -18.91 -4.59 -23.29
N ALA F 88 -20.11 -4.93 -23.75
CA ALA F 88 -21.01 -3.91 -24.29
C ALA F 88 -21.37 -2.85 -23.23
N GLY F 89 -21.72 -3.30 -22.02
CA GLY F 89 -22.08 -2.36 -20.99
C GLY F 89 -20.91 -1.49 -20.58
N GLU F 90 -19.73 -2.11 -20.42
CA GLU F 90 -18.55 -1.36 -19.99
C GLU F 90 -18.15 -0.33 -21.06
N THR F 91 -18.27 -0.70 -22.34
CA THR F 91 -17.95 0.23 -23.42
C THR F 91 -18.84 1.46 -23.39
N HIS F 92 -20.14 1.26 -23.17
CA HIS F 92 -21.03 2.40 -22.99
C HIS F 92 -20.58 3.29 -21.84
N GLU F 93 -20.19 2.69 -20.71
CA GLU F 93 -19.89 3.50 -19.53
C GLU F 93 -18.65 4.36 -19.75
N TYR F 94 -17.63 3.83 -20.41
CA TYR F 94 -16.38 4.58 -20.54
C TYR F 94 -16.35 5.49 -21.76
N THR F 95 -17.14 5.20 -22.78
CA THR F 95 -17.17 6.06 -23.96
C THR F 95 -18.19 7.19 -23.82
N ASP F 96 -19.33 6.92 -23.18
CA ASP F 96 -20.44 7.86 -23.18
CA ASP F 96 -20.46 7.84 -23.17
C ASP F 96 -20.87 8.24 -21.78
N MET F 97 -21.17 7.28 -20.90
CA MET F 97 -21.81 7.63 -19.64
C MET F 97 -20.90 8.47 -18.75
N TYR F 98 -19.75 7.91 -18.32
CA TYR F 98 -18.97 8.61 -17.31
C TYR F 98 -18.35 9.90 -17.86
N PRO F 99 -17.88 9.91 -19.11
CA PRO F 99 -17.41 11.19 -19.67
C PRO F 99 -18.48 12.28 -19.71
N GLY F 100 -19.71 11.94 -20.07
CA GLY F 100 -20.76 12.94 -20.05
C GLY F 100 -21.09 13.43 -18.64
N MET F 101 -21.14 12.51 -17.67
CA MET F 101 -21.38 12.93 -16.29
C MET F 101 -20.25 13.82 -15.79
N ALA F 102 -19.01 13.52 -16.18
CA ALA F 102 -17.90 14.37 -15.77
C ALA F 102 -18.08 15.78 -16.32
N LYS F 103 -18.43 15.89 -17.60
CA LYS F 103 -18.63 17.22 -18.18
C LYS F 103 -19.72 17.98 -17.45
N THR F 104 -20.85 17.31 -17.15
CA THR F 104 -21.93 17.99 -16.46
C THR F 104 -21.50 18.45 -15.08
N ALA F 105 -20.72 17.62 -14.36
CA ALA F 105 -20.30 18.01 -13.02
C ALA F 105 -19.39 19.23 -13.07
N ARG F 106 -18.49 19.27 -14.03
CA ARG F 106 -17.60 20.43 -14.14
C ARG F 106 -18.39 21.69 -14.51
N ASP F 107 -19.36 21.56 -15.42
CA ASP F 107 -20.19 22.70 -15.79
C ASP F 107 -20.97 23.25 -14.62
N GLU F 108 -21.37 22.38 -13.69
CA GLU F 108 -22.13 22.78 -12.51
C GLU F 108 -21.24 23.20 -11.35
N GLY F 109 -19.93 23.07 -11.47
CA GLY F 109 -19.03 23.50 -10.43
C GLY F 109 -18.60 22.46 -9.42
N PHE F 110 -18.82 21.17 -9.72
CA PHE F 110 -18.43 20.09 -8.81
C PHE F 110 -17.13 19.47 -9.33
N GLU F 111 -16.02 20.16 -9.07
CA GLU F 111 -14.76 19.74 -9.64
C GLU F 111 -14.34 18.36 -9.14
N GLU F 112 -14.49 18.12 -7.83
CA GLU F 112 -14.05 16.85 -7.26
C GLU F 112 -14.88 15.70 -7.83
N ILE F 113 -16.21 15.85 -7.84
CA ILE F 113 -17.06 14.83 -8.44
C ILE F 113 -16.70 14.61 -9.91
N ALA F 114 -16.37 15.68 -10.64
CA ALA F 114 -16.02 15.50 -12.05
C ALA F 114 -14.76 14.66 -12.21
N ASN F 115 -13.78 14.85 -11.33
CA ASN F 115 -12.57 14.03 -11.43
C ASN F 115 -12.84 12.60 -11.01
N TRP F 116 -13.80 12.40 -10.12
CA TRP F 116 -14.22 11.04 -9.75
C TRP F 116 -14.82 10.32 -10.95
N PHE F 117 -15.77 10.97 -11.64
CA PHE F 117 -16.32 10.36 -12.85
C PHE F 117 -15.26 10.09 -13.90
N GLU F 118 -14.23 10.95 -13.99
CA GLU F 118 -13.14 10.71 -14.91
C GLU F 118 -12.28 9.51 -14.49
N THR F 119 -12.04 9.35 -13.19
CA THR F 119 -11.37 8.15 -12.71
C THR F 119 -12.14 6.89 -13.09
N LEU F 120 -13.46 6.95 -12.95
CA LEU F 120 -14.29 5.78 -13.26
C LEU F 120 -14.36 5.49 -14.75
N ALA F 121 -14.36 6.52 -15.60
CA ALA F 121 -14.25 6.27 -17.03
C ALA F 121 -12.99 5.48 -17.36
N LYS F 122 -11.85 5.89 -16.79
CA LYS F 122 -10.60 5.15 -16.96
C LYS F 122 -10.74 3.72 -16.48
N ALA F 123 -11.34 3.54 -15.30
CA ALA F 123 -11.48 2.22 -14.71
C ALA F 123 -12.37 1.31 -15.56
N GLU F 124 -13.50 1.83 -16.05
CA GLU F 124 -14.38 1.00 -16.87
C GLU F 124 -13.72 0.66 -18.20
N ARG F 125 -12.85 1.53 -18.71
CA ARG F 125 -12.11 1.16 -19.92
C ARG F 125 -11.18 -0.01 -19.65
N SER F 126 -10.51 0.00 -18.50
CA SER F 126 -9.70 -1.14 -18.10
C SER F 126 -10.55 -2.41 -18.00
N HIS F 127 -11.73 -2.32 -17.37
CA HIS F 127 -12.59 -3.51 -17.28
C HIS F 127 -12.97 -4.02 -18.66
N ALA F 128 -13.39 -3.12 -19.56
CA ALA F 128 -13.78 -3.50 -20.92
C ALA F 128 -12.64 -4.21 -21.63
N ASN F 129 -11.43 -3.65 -21.57
CA ASN F 129 -10.31 -4.27 -22.28
C ASN F 129 -9.95 -5.61 -21.66
N ARG F 130 -10.05 -5.73 -20.34
CA ARG F 130 -9.72 -7.00 -19.72
C ARG F 130 -10.74 -8.07 -20.08
N TYR F 131 -12.01 -7.70 -20.20
CA TYR F 131 -12.99 -8.68 -20.62
C TYR F 131 -12.78 -9.07 -22.09
N THR F 132 -12.43 -8.11 -22.94
CA THR F 132 -12.15 -8.44 -24.33
C THR F 132 -11.03 -9.46 -24.44
N LYS F 133 -9.96 -9.28 -23.66
N LYS F 133 -9.97 -9.30 -23.64
CA LYS F 133 -8.86 -10.25 -23.65
CA LYS F 133 -8.88 -10.28 -23.70
C LYS F 133 -9.35 -11.63 -23.21
C LYS F 133 -9.30 -11.64 -23.17
N ALA F 134 -10.19 -11.69 -22.18
CA ALA F 134 -10.68 -12.98 -21.69
C ALA F 134 -11.55 -13.66 -22.74
N LEU F 135 -12.36 -12.88 -23.46
CA LEU F 135 -13.21 -13.44 -24.50
C LEU F 135 -12.38 -13.97 -25.66
N ASP F 136 -11.35 -13.25 -26.06
CA ASP F 136 -10.47 -13.72 -27.15
C ASP F 136 -9.77 -15.03 -26.80
N GLY F 137 -9.45 -15.25 -25.53
CA GLY F 137 -8.82 -16.46 -25.09
C GLY F 137 -9.78 -17.54 -24.61
N LEU F 138 -11.08 -17.29 -24.67
CA LEU F 138 -12.05 -18.27 -24.18
C LEU F 138 -12.06 -19.52 -25.05
N VAL F 139 -11.97 -20.67 -24.40
CA VAL F 139 -12.10 -21.97 -25.05
C VAL F 139 -13.37 -22.62 -24.51
N ASP F 140 -14.43 -22.62 -25.30
CA ASP F 140 -15.67 -23.23 -24.84
C ASP F 140 -16.16 -24.29 -25.81
FE FE G . -10.96 -1.03 16.80
FE FE H . 4.16 -11.83 2.04
C1 PEG I . 15.14 1.56 2.04
O1 PEG I . 15.20 0.38 2.80
C2 PEG I . 15.87 1.42 0.72
O2 PEG I . 15.37 2.29 -0.26
C3 PEG I . 15.85 3.61 -0.19
C4 PEG I . 14.66 4.54 -0.17
O4 PEG I . 14.91 5.70 -0.95
H11 PEG I . 15.53 2.31 2.53
H12 PEG I . 14.22 1.81 1.85
HO1 PEG I . 14.92 0.55 3.58
H21 PEG I . 15.80 0.49 0.45
H22 PEG I . 16.81 1.57 0.89
H31 PEG I . 16.38 3.74 0.61
H32 PEG I . 16.41 3.81 -0.94
H41 PEG I . 14.48 4.75 0.76
H42 PEG I . 13.90 4.04 -0.50
HO4 PEG I . 14.25 6.21 -0.87
C1 PEG J . 27.27 7.20 -22.15
O1 PEG J . 26.18 6.35 -22.05
C2 PEG J . 26.76 8.62 -22.19
O2 PEG J . 26.64 9.10 -23.53
C3 PEG J . 26.69 10.51 -23.59
C4 PEG J . 26.41 11.04 -24.97
O4 PEG J . 26.28 12.46 -24.91
H11 PEG J . 27.87 7.10 -21.39
H12 PEG J . 27.80 7.02 -22.95
HO1 PEG J . 26.46 5.54 -22.05
H21 PEG J . 27.38 9.19 -21.68
H22 PEG J . 25.92 8.66 -21.73
H31 PEG J . 26.03 10.89 -22.97
H32 PEG J . 27.55 10.82 -23.30
H41 PEG J . 25.61 10.61 -25.31
H42 PEG J . 27.14 10.77 -25.55
HO4 PEG J . 26.15 12.74 -25.71
FE FE K . 24.21 -1.47 -8.72
C1 PEG L . 31.12 28.14 -6.21
O1 PEG L . 31.42 28.62 -7.50
C2 PEG L . 30.74 26.68 -6.32
O2 PEG L . 30.10 26.30 -5.12
C3 PEG L . 29.53 25.02 -5.19
C4 PEG L . 28.09 25.08 -4.71
O4 PEG L . 28.06 25.15 -3.30
H11 PEG L . 31.88 28.23 -5.61
H12 PEG L . 30.38 28.64 -5.81
HO1 PEG L . 31.62 29.44 -7.44
H21 PEG L . 30.16 26.56 -7.09
H22 PEG L . 31.54 26.17 -6.47
H31 PEG L . 29.55 24.68 -6.09
H32 PEG L . 30.02 24.40 -4.64
H41 PEG L . 27.67 25.84 -5.13
H42 PEG L . 27.64 24.29 -5.05
HO4 PEG L . 27.25 25.24 -3.06
C1 PEG M . 14.52 10.31 -6.87
O1 PEG M . 13.59 9.99 -7.88
C2 PEG M . 14.46 11.80 -6.56
O2 PEG M . 14.82 12.58 -7.69
C3 PEG M . 15.31 13.84 -7.31
C4 PEG M . 14.66 14.93 -8.12
O4 PEG M . 14.70 14.55 -9.49
H11 PEG M . 14.34 9.82 -6.06
H12 PEG M . 15.43 10.09 -7.14
HO1 PEG M . 13.72 9.17 -8.10
H21 PEG M . 15.06 11.97 -5.82
H22 PEG M . 13.57 12.00 -6.26
H31 PEG M . 16.27 13.88 -7.43
H32 PEG M . 15.14 14.00 -6.37
H41 PEG M . 13.76 15.06 -7.80
H42 PEG M . 15.13 15.77 -7.96
HO4 PEG M . 15.51 14.54 -9.74
FE FE N . 37.64 15.66 0.49
FE FE O . 39.70 17.52 -2.03
FE FE P . 24.67 1.68 -11.13
C1 PEG Q . -8.04 -2.44 5.91
O1 PEG Q . -6.83 -1.76 6.12
C2 PEG Q . -8.62 -2.03 4.59
O2 PEG Q . -9.93 -2.52 4.40
C3 PEG Q . -10.39 -2.49 3.07
C4 PEG Q . -11.67 -3.27 2.95
O4 PEG Q . -12.16 -3.23 1.62
H11 PEG Q . -8.67 -2.24 6.61
H12 PEG Q . -7.91 -3.40 5.93
HO1 PEG Q . -6.57 -1.90 6.92
H21 PEG Q . -8.03 -2.36 3.89
H22 PEG Q . -8.60 -1.06 4.54
H31 PEG Q . -9.72 -2.86 2.47
H32 PEG Q . -10.54 -1.58 2.78
H41 PEG Q . -12.30 -2.90 3.59
H42 PEG Q . -11.49 -4.19 3.24
HO4 PEG Q . -12.83 -3.75 1.57
C1 PEG R . 2.65 -26.01 16.81
O1 PEG R . 2.71 -25.69 18.19
C2 PEG R . 2.03 -24.86 16.04
O2 PEG R . 2.29 -24.91 14.65
C3 PEG R . 2.05 -23.67 13.99
C4 PEG R . 2.64 -23.66 12.59
O4 PEG R . 1.62 -23.92 11.64
H11 PEG R . 2.12 -26.80 16.66
H12 PEG R . 3.53 -26.18 16.45
HO1 PEG R . 2.99 -26.37 18.60
H21 PEG R . 2.37 -24.04 16.42
H22 PEG R . 1.07 -24.87 16.21
H31 PEG R . 1.09 -23.52 13.93
H32 PEG R . 2.42 -22.95 14.50
H41 PEG R . 3.06 -22.78 12.46
H42 PEG R . 3.35 -24.31 12.57
HO4 PEG R . 1.95 -23.83 10.86
FE FE S . -12.51 -3.46 19.10
FE FE T . 3.72 -13.42 5.57
C1 PEG U . -39.96 5.01 -2.25
O1 PEG U . -41.00 5.45 -3.07
C2 PEG U . -40.02 5.73 -0.93
O2 PEG U . -39.78 4.84 0.13
C3 PEG U . -39.54 5.47 1.37
C4 PEG U . -40.74 6.28 1.80
O4 PEG U . -41.89 5.45 1.70
H11 PEG U . -40.03 4.05 -2.08
H12 PEG U . -39.09 5.16 -2.65
HO1 PEG U . -40.91 5.10 -3.83
H21 PEG U . -40.90 6.14 -0.84
H22 PEG U . -39.38 6.45 -0.93
H31 PEG U . -39.34 4.82 2.05
H32 PEG U . -38.77 6.06 1.31
H41 PEG U . -40.58 6.59 2.70
H42 PEG U . -40.79 7.06 1.24
HO4 PEG U . -42.37 5.59 2.38
FE FE V . -17.76 0.54 -12.03
FE FE W . -35.02 -6.72 2.36
C1 PEG X . -18.40 -2.12 2.24
O1 PEG X . -17.26 -2.74 1.72
C2 PEG X . -18.70 -0.87 1.47
O2 PEG X . -19.33 -1.18 0.24
C3 PEG X . -20.59 -0.59 0.13
C4 PEG X . -20.95 -0.44 -1.33
O4 PEG X . -22.08 0.37 -1.39
H11 PEG X . -19.17 -2.70 2.20
H12 PEG X . -18.27 -1.89 3.18
HO1 PEG X . -17.05 -3.40 2.23
H21 PEG X . -19.26 -0.29 2.02
H22 PEG X . -17.86 -0.38 1.33
H31 PEG X . -20.60 0.28 0.55
H32 PEG X . -21.26 -1.13 0.58
H41 PEG X . -20.19 -0.07 -1.79
H42 PEG X . -21.10 -1.33 -1.69
HO4 PEG X . -22.26 0.50 -2.20
C1 PEG Y . -15.47 -1.27 6.92
O1 PEG Y . -15.61 -2.19 7.98
C2 PEG Y . -15.48 0.15 7.45
O2 PEG Y . -14.94 1.17 6.60
C3 PEG Y . -14.18 0.79 5.47
C4 PEG Y . -14.38 1.72 4.30
O4 PEG Y . -14.14 1.03 3.09
H11 PEG Y . -16.19 -1.37 6.29
H12 PEG Y . -14.64 -1.42 6.44
HO1 PEG Y . -15.56 -2.98 7.65
H21 PEG Y . -16.41 0.35 7.67
H22 PEG Y . -15.00 0.13 8.30
H31 PEG Y . -13.24 0.77 5.70
H32 PEG Y . -14.42 -0.11 5.20
H41 PEG Y . -15.28 2.08 4.35
H42 PEG Y . -13.77 2.49 4.42
HO4 PEG Y . -14.34 1.55 2.44
C1 PEG Z . -36.58 -17.63 -8.53
O1 PEG Z . -35.83 -18.43 -7.64
C2 PEG Z . -36.00 -17.71 -9.93
O2 PEG Z . -36.50 -18.85 -10.61
C3 PEG Z . -36.40 -18.76 -12.01
C4 PEG Z . -36.94 -19.98 -12.72
O4 PEG Z . -37.06 -19.71 -14.10
H11 PEG Z . -36.59 -16.70 -8.25
H12 PEG Z . -37.51 -17.92 -8.57
HO1 PEG Z . -36.13 -18.29 -6.86
H21 PEG Z . -36.23 -16.88 -10.39
H22 PEG Z . -35.03 -17.73 -9.86
H31 PEG Z . -36.88 -17.97 -12.33
H32 PEG Z . -35.47 -18.64 -12.26
H41 PEG Z . -37.80 -20.20 -12.30
H42 PEG Z . -36.34 -20.72 -12.53
HO4 PEG Z . -37.29 -20.43 -14.49
C1 PEG AA . -25.01 -0.63 -24.22
O1 PEG AA . -25.40 -1.94 -24.53
C2 PEG AA . -25.77 -0.12 -23.01
O2 PEG AA . -26.31 1.15 -23.28
C3 PEG AA . -27.09 1.69 -22.25
C4 PEG AA . -28.28 2.39 -22.85
O4 PEG AA . -28.47 3.66 -22.27
H11 PEG AA . -25.17 -0.02 -24.96
H12 PEG AA . -24.06 -0.58 -24.02
HO1 PEG AA . -25.01 -2.16 -25.26
H21 PEG AA . -25.17 -0.10 -22.24
H22 PEG AA . -26.46 -0.76 -22.79
H31 PEG AA . -26.57 2.33 -21.72
H32 PEG AA . -27.38 1.00 -21.64
H41 PEG AA . -29.05 1.82 -22.73
H42 PEG AA . -28.14 2.44 -23.82
HO4 PEG AA . -29.17 4.01 -22.61
FE FE BA . -16.80 -2.08 -14.54
FE FE CA . -35.14 -8.26 -1.11
#